data_5J90
#
_entry.id   5J90
#
_cell.length_a   79.331
_cell.length_b   112.137
_cell.length_c   121.586
_cell.angle_alpha   90.000
_cell.angle_beta   90.000
_cell.angle_gamma   90.000
#
_symmetry.space_group_name_H-M   'P 21 21 21'
#
loop_
_entity.id
_entity.type
_entity.pdbx_description
1 polymer 'RagB/SusD domain protein'
2 non-polymer 1,2-ETHANEDIOL
3 water water
#
_entity_poly.entity_id   1
_entity_poly.type   'polypeptide(L)'
_entity_poly.pdbx_seq_one_letter_code
;MHHHHHHENLYFQGNGITLPDFEQDFNHIKGGFAPMFNNIQVLTPEWVYQLQQGLNSDIWSGYMATPTGFESGVNNTTYA
LLDNWNGFIWDYGYKNVMFNAYDIANKSKGKYDQFYALSLILKVEGMHRMTDTFGPIIYSKFGSNDATIAYDSQEEVYTQ
MFAELDTAVAELTKRIDAGEASTFESTDMTGYKGKYESWVRFANTLRLRLAMRIVKVKPALAKTEAEKAVAQKFGVMLVN
DDSFKIVSPVYTNPIATISSSWLDIRMSADMESIMKGYQDPRIASYFDTSKQFPNEYKGVRTGIAISGKSDHQDFSGIGA
VVRSKEIYLMNAAEAYFLRAEGALRGWNMGGTAQELYEAGIKASFDQRGVSGAAGYIADNTKTAAAYVDPNFPENNSDPV
NNVTVAWDAAATNEVKLQKIITQKWIAGFPEGQEAWSDYRRTGYPKLFPVLKNYSGGAITTEFGVRRINFVQSEKAGNSG
GVATGVSKLGGPDNGGTRVWWDVNAPNF
;
_entity_poly.pdbx_strand_id   A,B
#
# COMPACT_ATOMS: atom_id res chain seq x y z
N ASN A 27 9.28 6.44 -44.08
CA ASN A 27 9.39 5.09 -44.64
C ASN A 27 10.09 4.13 -43.68
N HIS A 28 11.24 4.55 -43.19
CA HIS A 28 12.02 3.75 -42.24
C HIS A 28 11.39 3.80 -40.84
N ILE A 29 10.50 4.77 -40.64
CA ILE A 29 9.86 4.99 -39.34
C ILE A 29 8.47 4.34 -39.28
N LYS A 30 7.71 4.44 -40.37
CA LYS A 30 6.32 4.04 -40.37
C LYS A 30 6.11 2.56 -40.07
N GLY A 31 7.06 1.72 -40.44
CA GLY A 31 6.94 0.28 -40.27
C GLY A 31 6.85 -0.19 -38.82
N GLY A 32 7.29 0.69 -37.91
CA GLY A 32 7.30 0.34 -36.50
C GLY A 32 5.92 0.37 -35.86
N PHE A 33 4.97 1.05 -36.51
CA PHE A 33 3.64 1.19 -35.92
C PHE A 33 2.80 -0.08 -35.95
N ALA A 34 2.89 -0.86 -37.03
CA ALA A 34 2.05 -2.05 -37.15
C ALA A 34 2.19 -3.03 -35.98
N PRO A 35 3.44 -3.37 -35.59
CA PRO A 35 3.57 -4.28 -34.46
C PRO A 35 3.06 -3.70 -33.14
N MET A 36 3.08 -2.38 -32.98
CA MET A 36 2.47 -1.76 -31.79
C MET A 36 0.95 -1.98 -31.83
N PHE A 37 0.32 -1.61 -32.95
CA PHE A 37 -1.12 -1.76 -33.11
C PHE A 37 -1.58 -3.20 -32.93
N ASN A 38 -0.76 -4.14 -33.39
CA ASN A 38 -1.15 -5.54 -33.43
C ASN A 38 -0.84 -6.33 -32.16
N ASN A 39 -0.22 -5.66 -31.17
CA ASN A 39 0.23 -6.37 -29.99
C ASN A 39 -0.05 -5.71 -28.65
N ILE A 40 -0.91 -4.70 -28.62
CA ILE A 40 -1.44 -4.21 -27.35
C ILE A 40 -2.26 -5.36 -26.76
N GLN A 41 -3.25 -5.81 -27.52
CA GLN A 41 -3.75 -7.18 -27.39
C GLN A 41 -3.18 -7.94 -28.57
N VAL A 42 -2.51 -9.06 -28.31
CA VAL A 42 -1.91 -9.82 -29.40
C VAL A 42 -2.99 -10.41 -30.29
N LEU A 43 -3.05 -9.94 -31.54
CA LEU A 43 -4.13 -10.34 -32.43
C LEU A 43 -3.92 -11.71 -33.03
N THR A 44 -2.65 -12.08 -33.23
CA THR A 44 -2.32 -13.38 -33.80
C THR A 44 -0.93 -13.81 -33.32
N PRO A 45 -0.73 -15.12 -33.12
CA PRO A 45 -1.75 -16.18 -33.20
C PRO A 45 -2.71 -16.14 -32.00
N GLU A 46 -3.87 -16.76 -32.15
CA GLU A 46 -4.90 -16.73 -31.12
C GLU A 46 -4.44 -17.36 -29.82
N TRP A 47 -3.58 -18.39 -29.91
CA TRP A 47 -3.10 -19.05 -28.71
C TRP A 47 -2.23 -18.12 -27.86
N VAL A 48 -1.58 -17.15 -28.50
CA VAL A 48 -0.82 -16.16 -27.74
C VAL A 48 -1.76 -15.20 -27.00
N TYR A 49 -2.81 -14.71 -27.64
CA TYR A 49 -3.78 -13.89 -26.90
C TYR A 49 -4.32 -14.64 -25.68
N GLN A 50 -4.62 -15.93 -25.86
CA GLN A 50 -5.17 -16.72 -24.78
C GLN A 50 -4.25 -16.65 -23.55
N LEU A 51 -2.94 -16.63 -23.77
CA LEU A 51 -1.97 -16.58 -22.66
C LEU A 51 -1.68 -15.14 -22.20
N GLN A 52 -1.69 -14.20 -23.13
CA GLN A 52 -1.41 -12.81 -22.81
C GLN A 52 -2.50 -12.19 -21.95
N GLN A 53 -3.76 -12.50 -22.26
CA GLN A 53 -4.86 -11.89 -21.52
C GLN A 53 -6.02 -12.85 -21.24
N GLY A 54 -6.25 -13.82 -22.13
CA GLY A 54 -7.42 -14.67 -22.03
C GLY A 54 -7.53 -15.50 -20.77
N LEU A 55 -6.38 -15.89 -20.22
CA LEU A 55 -6.34 -16.75 -19.04
C LEU A 55 -5.84 -16.01 -17.80
N ASN A 56 -5.87 -14.68 -17.87
CA ASN A 56 -5.61 -13.87 -16.68
C ASN A 56 -6.73 -12.84 -16.47
N SER A 57 -6.53 -11.60 -16.87
CA SER A 57 -7.50 -10.57 -16.56
C SER A 57 -8.89 -10.75 -17.21
N ASP A 58 -8.98 -11.44 -18.35
CA ASP A 58 -10.31 -11.70 -18.93
C ASP A 58 -11.18 -12.52 -17.98
N ILE A 59 -10.53 -13.30 -17.12
CA ILE A 59 -11.22 -14.15 -16.15
C ILE A 59 -11.29 -13.48 -14.76
N TRP A 60 -10.18 -12.94 -14.28
CA TRP A 60 -10.17 -12.32 -12.95
C TRP A 60 -11.14 -11.13 -12.88
N SER A 61 -11.33 -10.44 -14.00
CA SER A 61 -12.23 -9.29 -14.09
C SER A 61 -13.69 -9.66 -13.87
N GLY A 62 -14.01 -10.95 -13.96
CA GLY A 62 -15.39 -11.39 -13.96
C GLY A 62 -16.08 -11.38 -15.32
N TYR A 63 -15.35 -11.09 -16.39
CA TYR A 63 -15.97 -11.05 -17.72
C TYR A 63 -16.23 -12.43 -18.32
N MET A 64 -15.29 -13.35 -18.14
CA MET A 64 -15.30 -14.65 -18.83
C MET A 64 -14.80 -15.73 -17.91
N ALA A 65 -15.06 -16.99 -18.26
CA ALA A 65 -14.61 -18.12 -17.46
C ALA A 65 -14.35 -19.32 -18.35
N THR A 66 -13.37 -20.13 -17.97
CA THR A 66 -13.06 -21.32 -18.77
C THR A 66 -13.78 -22.57 -18.27
N PRO A 67 -14.24 -23.42 -19.21
CA PRO A 67 -14.80 -24.73 -18.84
C PRO A 67 -13.71 -25.79 -18.75
N THR A 68 -12.46 -25.42 -19.04
CA THR A 68 -11.38 -26.39 -19.19
C THR A 68 -10.51 -26.47 -17.94
N GLY A 69 -10.26 -27.69 -17.48
CA GLY A 69 -9.43 -27.91 -16.30
C GLY A 69 -7.95 -27.98 -16.61
N PHE A 70 -7.40 -26.90 -17.16
CA PHE A 70 -5.99 -26.87 -17.53
C PHE A 70 -5.10 -27.25 -16.36
N GLU A 71 -4.07 -28.04 -16.64
CA GLU A 71 -3.09 -28.46 -15.62
CA GLU A 71 -3.11 -28.42 -15.60
C GLU A 71 -3.79 -28.96 -14.35
N SER A 72 -4.70 -29.91 -14.54
CA SER A 72 -5.44 -30.53 -13.43
C SER A 72 -6.23 -29.53 -12.58
N GLY A 73 -6.54 -28.38 -13.15
CA GLY A 73 -7.34 -27.39 -12.45
C GLY A 73 -6.56 -26.50 -11.50
N VAL A 74 -5.24 -26.62 -11.54
CA VAL A 74 -4.35 -25.83 -10.71
C VAL A 74 -3.68 -24.81 -11.63
N ASN A 75 -4.22 -23.60 -11.67
CA ASN A 75 -3.82 -22.66 -12.70
C ASN A 75 -4.23 -21.25 -12.32
N ASN A 76 -4.09 -20.29 -13.24
CA ASN A 76 -4.39 -18.89 -12.91
C ASN A 76 -5.79 -18.72 -12.33
N THR A 77 -6.75 -19.51 -12.80
CA THR A 77 -8.14 -19.34 -12.37
C THR A 77 -8.38 -19.80 -10.94
N THR A 78 -7.48 -20.64 -10.42
CA THR A 78 -7.54 -21.08 -9.02
C THR A 78 -6.37 -20.51 -8.23
N TYR A 79 -5.80 -19.42 -8.76
CA TYR A 79 -4.81 -18.60 -8.07
C TYR A 79 -3.46 -19.30 -7.86
N ALA A 80 -3.20 -20.33 -8.66
CA ALA A 80 -1.84 -20.87 -8.80
C ALA A 80 -1.27 -20.24 -10.07
N LEU A 81 -0.57 -19.13 -9.92
CA LEU A 81 -0.10 -18.40 -11.09
C LEU A 81 0.92 -19.24 -11.85
N LEU A 82 0.71 -19.38 -13.15
CA LEU A 82 1.55 -20.26 -13.97
C LEU A 82 2.56 -19.45 -14.78
N ASP A 83 3.83 -19.57 -14.40
CA ASP A 83 4.89 -18.79 -15.05
C ASP A 83 4.98 -19.07 -16.54
N ASN A 84 4.67 -20.31 -16.93
CA ASN A 84 4.72 -20.69 -18.34
C ASN A 84 3.62 -20.02 -19.17
N TRP A 85 2.55 -19.60 -18.51
CA TRP A 85 1.49 -18.83 -19.16
C TRP A 85 1.82 -17.34 -19.17
N ASN A 86 2.17 -16.83 -17.98
CA ASN A 86 2.19 -15.39 -17.76
C ASN A 86 3.40 -14.68 -18.35
N GLY A 87 4.47 -15.43 -18.63
CA GLY A 87 5.62 -14.87 -19.30
C GLY A 87 5.30 -14.26 -20.65
N PHE A 88 4.28 -14.79 -21.32
CA PHE A 88 3.87 -14.26 -22.63
C PHE A 88 3.49 -12.78 -22.58
N ILE A 89 2.91 -12.34 -21.47
CA ILE A 89 2.50 -10.94 -21.33
C ILE A 89 3.71 -10.04 -21.49
N TRP A 90 4.76 -10.33 -20.74
CA TRP A 90 5.96 -9.52 -20.74
C TRP A 90 6.68 -9.66 -22.08
N ASP A 91 6.88 -10.90 -22.53
CA ASP A 91 7.73 -11.12 -23.70
C ASP A 91 7.14 -10.51 -24.97
N TYR A 92 5.83 -10.68 -25.19
CA TYR A 92 5.21 -10.10 -26.38
C TYR A 92 5.07 -8.58 -26.29
N GLY A 93 4.77 -8.06 -25.11
CA GLY A 93 4.66 -6.62 -24.91
C GLY A 93 5.97 -5.90 -25.15
N TYR A 94 7.04 -6.41 -24.58
CA TYR A 94 8.33 -5.75 -24.74
C TYR A 94 8.89 -5.88 -26.16
N LYS A 95 8.70 -7.04 -26.78
CA LYS A 95 9.23 -7.27 -28.11
C LYS A 95 8.55 -6.41 -29.16
N ASN A 96 7.25 -6.19 -28.98
CA ASN A 96 6.45 -5.55 -30.03
C ASN A 96 5.98 -4.15 -29.73
N VAL A 97 5.57 -3.89 -28.50
CA VAL A 97 5.17 -2.54 -28.16
C VAL A 97 6.37 -1.70 -27.73
N MET A 98 7.07 -2.13 -26.68
CA MET A 98 8.14 -1.31 -26.14
C MET A 98 9.30 -1.13 -27.12
N PHE A 99 9.72 -2.21 -27.77
CA PHE A 99 10.86 -2.07 -28.68
C PHE A 99 10.57 -1.07 -29.79
N ASN A 100 9.37 -1.14 -30.36
CA ASN A 100 9.05 -0.24 -31.45
C ASN A 100 8.85 1.20 -30.99
N ALA A 101 8.35 1.40 -29.77
CA ALA A 101 8.29 2.75 -29.23
C ALA A 101 9.70 3.33 -29.15
N TYR A 102 10.62 2.53 -28.66
CA TYR A 102 12.02 2.92 -28.49
C TYR A 102 12.64 3.23 -29.85
N ASP A 103 12.45 2.30 -30.80
CA ASP A 103 13.03 2.42 -32.13
C ASP A 103 12.47 3.63 -32.86
N ILE A 104 11.15 3.79 -32.84
CA ILE A 104 10.52 4.97 -33.47
C ILE A 104 11.04 6.26 -32.83
N ALA A 105 11.16 6.29 -31.52
CA ALA A 105 11.64 7.49 -30.85
C ALA A 105 13.06 7.82 -31.31
N ASN A 106 13.92 6.80 -31.38
CA ASN A 106 15.29 7.01 -31.81
C ASN A 106 15.39 7.62 -33.20
N LYS A 107 14.51 7.18 -34.09
CA LYS A 107 14.54 7.63 -35.47
C LYS A 107 13.82 8.96 -35.68
N SER A 108 12.86 9.27 -34.81
CA SER A 108 11.95 10.39 -35.09
C SER A 108 12.06 11.58 -34.13
N LYS A 109 12.51 11.34 -32.91
CA LYS A 109 12.58 12.43 -31.94
C LYS A 109 13.52 13.55 -32.41
N GLY A 110 12.98 14.77 -32.50
CA GLY A 110 13.74 15.92 -32.95
C GLY A 110 13.89 16.01 -34.46
N LYS A 111 13.22 15.12 -35.19
CA LYS A 111 13.30 15.09 -36.64
C LYS A 111 11.91 15.02 -37.27
N TYR A 112 11.12 14.05 -36.83
CA TYR A 112 9.73 13.93 -37.28
C TYR A 112 8.85 13.79 -36.05
N ASP A 113 8.66 14.89 -35.33
CA ASP A 113 8.03 14.83 -34.02
C ASP A 113 6.56 14.45 -34.03
N GLN A 114 5.89 14.51 -35.18
CA GLN A 114 4.51 14.04 -35.24
C GLN A 114 4.49 12.52 -35.03
N PHE A 115 5.44 11.82 -35.64
CA PHE A 115 5.51 10.37 -35.46
C PHE A 115 5.99 10.00 -34.06
N TYR A 116 6.91 10.80 -33.52
CA TYR A 116 7.35 10.60 -32.14
C TYR A 116 6.16 10.73 -31.18
N ALA A 117 5.39 11.80 -31.33
CA ALA A 117 4.20 12.01 -30.50
C ALA A 117 3.23 10.83 -30.57
N LEU A 118 2.94 10.36 -31.78
CA LEU A 118 2.00 9.26 -31.94
C LEU A 118 2.55 8.00 -31.29
N SER A 119 3.86 7.77 -31.41
CA SER A 119 4.48 6.60 -30.80
C SER A 119 4.36 6.66 -29.28
N LEU A 120 4.44 7.86 -28.69
CA LEU A 120 4.30 8.00 -27.24
C LEU A 120 2.90 7.64 -26.76
N ILE A 121 1.89 8.06 -27.50
CA ILE A 121 0.52 7.72 -27.12
C ILE A 121 0.30 6.22 -27.17
N LEU A 122 0.74 5.57 -28.25
CA LEU A 122 0.63 4.12 -28.36
C LEU A 122 1.46 3.42 -27.28
N LYS A 123 2.64 3.97 -26.99
CA LYS A 123 3.51 3.43 -25.95
C LYS A 123 2.79 3.40 -24.60
N VAL A 124 2.18 4.52 -24.22
CA VAL A 124 1.49 4.59 -22.95
C VAL A 124 0.28 3.65 -22.96
N GLU A 125 -0.45 3.59 -24.08
CA GLU A 125 -1.58 2.67 -24.17
C GLU A 125 -1.16 1.22 -23.93
N GLY A 126 -0.05 0.80 -24.52
CA GLY A 126 0.39 -0.57 -24.31
C GLY A 126 1.07 -0.78 -22.96
N MET A 127 1.92 0.16 -22.56
CA MET A 127 2.73 -0.07 -21.37
C MET A 127 2.06 0.19 -20.03
N HIS A 128 1.01 1.02 -19.99
CA HIS A 128 0.29 1.15 -18.71
C HIS A 128 -0.30 -0.19 -18.31
N ARG A 129 -0.72 -0.98 -19.28
CA ARG A 129 -1.22 -2.33 -19.01
C ARG A 129 -0.13 -3.18 -18.36
N MET A 130 1.10 -3.07 -18.88
CA MET A 130 2.23 -3.81 -18.34
C MET A 130 2.49 -3.48 -16.87
N THR A 131 2.59 -2.18 -16.55
CA THR A 131 2.83 -1.85 -15.14
C THR A 131 1.62 -2.15 -14.25
N ASP A 132 0.42 -2.02 -14.80
CA ASP A 132 -0.76 -2.38 -14.03
C ASP A 132 -0.82 -3.87 -13.70
N THR A 133 -0.10 -4.69 -14.47
CA THR A 133 -0.06 -6.13 -14.26
C THR A 133 1.05 -6.54 -13.29
N PHE A 134 2.25 -5.95 -13.44
CA PHE A 134 3.42 -6.39 -12.69
C PHE A 134 3.86 -5.47 -11.56
N GLY A 135 3.50 -4.19 -11.64
CA GLY A 135 4.01 -3.18 -10.72
C GLY A 135 5.25 -2.53 -11.30
N PRO A 136 6.41 -2.67 -10.65
CA PRO A 136 7.64 -2.19 -11.28
C PRO A 136 7.85 -2.86 -12.63
N ILE A 137 8.32 -2.09 -13.61
CA ILE A 137 8.64 -2.63 -14.94
C ILE A 137 9.88 -1.94 -15.49
N ILE A 138 10.44 -2.49 -16.55
CA ILE A 138 11.48 -1.80 -17.29
C ILE A 138 10.85 -0.67 -18.10
N TYR A 139 11.34 0.55 -17.93
CA TYR A 139 10.78 1.67 -18.68
C TYR A 139 11.90 2.64 -19.06
N SER A 140 12.40 3.42 -18.12
CA SER A 140 13.45 4.39 -18.44
C SER A 140 14.74 3.76 -18.96
N LYS A 141 15.05 2.55 -18.53
CA LYS A 141 16.31 1.90 -18.87
C LYS A 141 16.20 0.94 -20.05
N PHE A 142 15.04 0.92 -20.71
CA PHE A 142 14.89 0.02 -21.85
C PHE A 142 15.97 0.27 -22.90
N GLY A 143 16.53 -0.82 -23.43
CA GLY A 143 17.53 -0.73 -24.48
C GLY A 143 18.96 -0.62 -23.95
N SER A 144 19.11 -0.63 -22.63
CA SER A 144 20.42 -0.51 -22.02
C SER A 144 21.33 -1.68 -22.39
N ASN A 145 22.62 -1.40 -22.51
CA ASN A 145 23.59 -2.44 -22.82
C ASN A 145 24.16 -3.10 -21.55
N ASP A 146 23.85 -2.52 -20.40
CA ASP A 146 24.33 -3.05 -19.12
C ASP A 146 23.81 -4.47 -18.88
N ALA A 147 24.57 -5.24 -18.10
CA ALA A 147 24.16 -6.60 -17.74
C ALA A 147 22.88 -6.57 -16.91
N THR A 148 22.76 -5.53 -16.09
CA THR A 148 21.53 -5.28 -15.33
C THR A 148 20.71 -4.20 -16.02
N ILE A 149 19.54 -4.56 -16.51
CA ILE A 149 18.58 -3.57 -17.01
C ILE A 149 17.59 -3.32 -15.88
N ALA A 150 17.76 -2.19 -15.20
CA ALA A 150 17.00 -1.90 -13.99
C ALA A 150 15.53 -1.61 -14.27
N TYR A 151 14.70 -1.96 -13.29
CA TYR A 151 13.27 -1.65 -13.34
C TYR A 151 13.04 -0.28 -12.69
N ASP A 152 12.04 0.44 -13.18
CA ASP A 152 11.55 1.63 -12.49
C ASP A 152 10.45 1.24 -11.51
N SER A 153 10.25 2.04 -10.45
CA SER A 153 9.10 1.83 -9.59
C SER A 153 7.82 2.20 -10.36
N GLN A 154 6.71 1.63 -9.94
CA GLN A 154 5.45 2.01 -10.59
C GLN A 154 5.15 3.51 -10.46
N GLU A 155 5.47 4.08 -9.29
CA GLU A 155 5.31 5.51 -9.08
C GLU A 155 6.06 6.32 -10.14
N GLU A 156 7.30 5.94 -10.40
CA GLU A 156 8.12 6.57 -11.44
C GLU A 156 7.54 6.37 -12.83
N VAL A 157 7.06 5.17 -13.12
CA VAL A 157 6.48 4.90 -14.44
C VAL A 157 5.26 5.79 -14.70
N TYR A 158 4.38 5.90 -13.71
CA TYR A 158 3.20 6.76 -13.87
C TYR A 158 3.58 8.22 -14.13
N THR A 159 4.55 8.75 -13.39
CA THR A 159 5.02 10.11 -13.64
C THR A 159 5.53 10.27 -15.07
N GLN A 160 6.33 9.29 -15.52
CA GLN A 160 6.84 9.34 -16.89
C GLN A 160 5.73 9.27 -17.95
N MET A 161 4.73 8.41 -17.74
CA MET A 161 3.63 8.29 -18.68
C MET A 161 2.84 9.60 -18.80
N PHE A 162 2.57 10.25 -17.67
CA PHE A 162 1.87 11.54 -17.73
C PHE A 162 2.70 12.57 -18.52
N ALA A 163 4.02 12.54 -18.34
CA ALA A 163 4.91 13.49 -19.05
C ALA A 163 4.97 13.18 -20.54
N GLU A 164 4.97 11.89 -20.88
CA GLU A 164 4.93 11.49 -22.29
C GLU A 164 3.64 11.94 -22.95
N LEU A 165 2.51 11.78 -22.26
CA LEU A 165 1.27 12.31 -22.80
C LEU A 165 1.32 13.83 -22.94
N ASP A 166 1.95 14.53 -22.00
CA ASP A 166 2.12 15.99 -22.13
C ASP A 166 2.86 16.34 -23.41
N THR A 167 3.96 15.64 -23.67
CA THR A 167 4.77 15.88 -24.86
C THR A 167 3.96 15.63 -26.13
N ALA A 168 3.27 14.50 -26.19
CA ALA A 168 2.48 14.14 -27.37
C ALA A 168 1.34 15.12 -27.63
N VAL A 169 0.61 15.48 -26.58
CA VAL A 169 -0.51 16.41 -26.72
C VAL A 169 -0.05 17.78 -27.19
N ALA A 170 1.05 18.28 -26.63
CA ALA A 170 1.56 19.60 -27.04
C ALA A 170 1.99 19.59 -28.50
N GLU A 171 2.70 18.54 -28.91
CA GLU A 171 3.24 18.47 -30.27
C GLU A 171 2.11 18.38 -31.31
N LEU A 172 1.15 17.49 -31.09
CA LEU A 172 0.07 17.34 -32.07
C LEU A 172 -0.86 18.55 -32.07
N THR A 173 -1.11 19.14 -30.91
CA THR A 173 -1.98 20.30 -30.82
C THR A 173 -1.35 21.48 -31.58
N LYS A 174 -0.04 21.62 -31.48
CA LYS A 174 0.69 22.65 -32.23
C LYS A 174 0.42 22.49 -33.74
N ARG A 175 0.54 21.27 -34.24
CA ARG A 175 0.33 21.00 -35.66
C ARG A 175 -1.12 21.22 -36.09
N ILE A 176 -2.06 20.82 -35.24
CA ILE A 176 -3.47 21.06 -35.52
C ILE A 176 -3.76 22.55 -35.60
N ASP A 177 -3.24 23.31 -34.64
CA ASP A 177 -3.47 24.75 -34.58
C ASP A 177 -2.92 25.43 -35.83
N ALA A 178 -1.84 24.88 -36.38
CA ALA A 178 -1.19 25.44 -37.56
C ALA A 178 -1.83 24.97 -38.87
N GLY A 179 -2.81 24.08 -38.78
CA GLY A 179 -3.50 23.58 -39.95
C GLY A 179 -2.66 22.65 -40.79
N GLU A 180 -1.67 22.02 -40.17
CA GLU A 180 -0.76 21.11 -40.86
C GLU A 180 -1.47 19.79 -41.18
N ALA A 181 -1.50 19.43 -42.46
CA ALA A 181 -2.15 18.19 -42.88
C ALA A 181 -1.47 16.97 -42.28
N SER A 182 -2.28 15.97 -41.91
CA SER A 182 -1.74 14.73 -41.35
C SER A 182 -0.91 13.95 -42.35
N THR A 183 0.15 13.32 -41.85
CA THR A 183 0.94 12.41 -42.67
C THR A 183 0.85 10.98 -42.10
N PHE A 184 -0.24 10.70 -41.39
CA PHE A 184 -0.37 9.43 -40.66
C PHE A 184 -1.50 8.51 -41.15
N GLU A 185 -2.35 8.98 -42.05
CA GLU A 185 -3.52 8.16 -42.42
C GLU A 185 -3.16 6.77 -42.93
N SER A 186 -2.19 6.67 -43.82
CA SER A 186 -1.83 5.38 -44.40
C SER A 186 -1.21 4.40 -43.39
N THR A 187 -0.73 4.95 -42.28
CA THR A 187 -0.09 4.13 -41.25
C THR A 187 -1.06 3.78 -40.10
N ASP A 188 -2.05 4.66 -39.89
CA ASP A 188 -3.00 4.49 -38.79
C ASP A 188 -3.84 3.23 -39.00
N MET A 189 -4.08 2.49 -37.91
CA MET A 189 -4.87 1.27 -37.96
CA MET A 189 -4.88 1.27 -37.94
C MET A 189 -6.01 1.33 -36.93
N THR A 190 -6.57 2.51 -36.74
CA THR A 190 -7.62 2.70 -35.75
C THR A 190 -8.85 3.29 -36.42
N GLY A 191 -9.78 3.79 -35.64
CA GLY A 191 -10.91 4.51 -36.19
C GLY A 191 -10.61 5.95 -36.59
N TYR A 192 -9.38 6.41 -36.35
CA TYR A 192 -9.09 7.84 -36.48
C TYR A 192 -8.59 8.28 -37.86
N LYS A 193 -8.15 7.33 -38.68
CA LYS A 193 -7.73 7.64 -40.06
C LYS A 193 -6.74 8.80 -40.14
N GLY A 194 -5.77 8.80 -39.23
CA GLY A 194 -4.70 9.79 -39.25
C GLY A 194 -5.02 11.13 -38.63
N LYS A 195 -6.24 11.33 -38.15
CA LYS A 195 -6.65 12.62 -37.61
C LYS A 195 -5.98 12.94 -36.26
N TYR A 196 -5.10 13.93 -36.25
CA TYR A 196 -4.35 14.26 -35.04
C TYR A 196 -5.27 14.64 -33.89
N GLU A 197 -6.34 15.38 -34.17
CA GLU A 197 -7.26 15.82 -33.12
C GLU A 197 -7.87 14.63 -32.38
N SER A 198 -8.21 13.55 -33.10
CA SER A 198 -8.76 12.36 -32.47
C SER A 198 -7.72 11.63 -31.63
N TRP A 199 -6.48 11.64 -32.09
CA TRP A 199 -5.38 11.08 -31.30
C TRP A 199 -5.15 11.87 -30.01
N VAL A 200 -5.28 13.20 -30.08
CA VAL A 200 -5.11 14.01 -28.87
C VAL A 200 -6.26 13.76 -27.91
N ARG A 201 -7.48 13.65 -28.43
CA ARG A 201 -8.64 13.39 -27.59
C ARG A 201 -8.49 12.03 -26.90
N PHE A 202 -7.94 11.05 -27.62
CA PHE A 202 -7.64 9.75 -27.01
C PHE A 202 -6.60 9.92 -25.91
N ALA A 203 -5.51 10.62 -26.21
CA ALA A 203 -4.47 10.84 -25.20
C ALA A 203 -5.04 11.50 -23.94
N ASN A 204 -5.91 12.50 -24.10
CA ASN A 204 -6.54 13.13 -22.95
C ASN A 204 -7.35 12.12 -22.14
N THR A 205 -8.07 11.24 -22.83
CA THR A 205 -8.94 10.29 -22.15
C THR A 205 -8.09 9.23 -21.42
N LEU A 206 -6.99 8.82 -22.06
CA LEU A 206 -6.03 7.91 -21.43
C LEU A 206 -5.42 8.56 -20.19
N ARG A 207 -5.08 9.85 -20.27
CA ARG A 207 -4.62 10.56 -19.08
C ARG A 207 -5.66 10.48 -17.96
N LEU A 208 -6.93 10.68 -18.30
CA LEU A 208 -7.99 10.63 -17.30
C LEU A 208 -8.10 9.25 -16.65
N ARG A 209 -7.98 8.18 -17.46
CA ARG A 209 -7.94 6.83 -16.92
C ARG A 209 -6.78 6.66 -15.93
N LEU A 210 -5.59 7.08 -16.33
CA LEU A 210 -4.41 6.90 -15.47
C LEU A 210 -4.52 7.76 -14.19
N ALA A 211 -5.12 8.93 -14.33
CA ALA A 211 -5.34 9.80 -13.17
C ALA A 211 -6.27 9.14 -12.15
N MET A 212 -7.39 8.59 -12.60
CA MET A 212 -8.32 7.97 -11.66
C MET A 212 -7.69 6.74 -11.02
N ARG A 213 -6.85 6.03 -11.77
CA ARG A 213 -6.18 4.86 -11.22
C ARG A 213 -5.43 5.16 -9.94
N ILE A 214 -4.84 6.35 -9.87
CA ILE A 214 -3.96 6.67 -8.74
C ILE A 214 -4.64 7.49 -7.65
N VAL A 215 -5.97 7.56 -7.67
CA VAL A 215 -6.66 8.44 -6.72
C VAL A 215 -6.50 8.02 -5.24
N LYS A 216 -6.29 6.74 -4.97
CA LYS A 216 -6.09 6.30 -3.58
C LYS A 216 -4.67 6.54 -3.10
N VAL A 217 -3.68 6.40 -3.97
CA VAL A 217 -2.29 6.53 -3.55
C VAL A 217 -1.80 7.99 -3.61
N LYS A 218 -2.28 8.75 -4.60
CA LYS A 218 -1.86 10.13 -4.80
C LYS A 218 -3.06 10.97 -5.25
N PRO A 219 -4.03 11.21 -4.35
CA PRO A 219 -5.22 11.97 -4.78
C PRO A 219 -4.91 13.37 -5.33
N ALA A 220 -3.85 14.02 -4.86
CA ALA A 220 -3.52 15.34 -5.40
C ALA A 220 -3.10 15.27 -6.87
N LEU A 221 -2.25 14.30 -7.21
CA LEU A 221 -1.81 14.16 -8.59
C LEU A 221 -2.95 13.64 -9.47
N ALA A 222 -3.76 12.75 -8.92
CA ALA A 222 -4.95 12.27 -9.62
C ALA A 222 -5.83 13.43 -10.05
N LYS A 223 -6.10 14.33 -9.11
CA LYS A 223 -6.94 15.47 -9.42
C LYS A 223 -6.32 16.37 -10.49
N THR A 224 -5.02 16.65 -10.32
CA THR A 224 -4.31 17.49 -11.27
C THR A 224 -4.37 16.91 -12.68
N GLU A 225 -4.05 15.63 -12.82
CA GLU A 225 -4.00 15.04 -14.15
C GLU A 225 -5.40 14.82 -14.74
N ALA A 226 -6.37 14.50 -13.89
CA ALA A 226 -7.76 14.32 -14.38
C ALA A 226 -8.32 15.65 -14.88
N GLU A 227 -8.08 16.70 -14.12
CA GLU A 227 -8.57 18.00 -14.53
C GLU A 227 -7.86 18.52 -15.80
N LYS A 228 -6.56 18.22 -15.94
CA LYS A 228 -5.84 18.54 -17.17
C LYS A 228 -6.48 17.87 -18.39
N ALA A 229 -6.85 16.61 -18.25
CA ALA A 229 -7.43 15.84 -19.34
C ALA A 229 -8.68 16.52 -19.90
N VAL A 230 -9.53 16.97 -18.97
CA VAL A 230 -10.81 17.56 -19.33
C VAL A 230 -10.62 19.00 -19.83
N ALA A 231 -9.62 19.69 -19.28
CA ALA A 231 -9.37 21.10 -19.60
C ALA A 231 -8.71 21.32 -20.97
N GLN A 232 -8.04 20.30 -21.48
CA GLN A 232 -7.36 20.42 -22.77
C GLN A 232 -8.37 20.82 -23.83
N LYS A 233 -7.94 21.58 -24.82
CA LYS A 233 -8.89 22.19 -25.75
C LYS A 233 -9.78 21.21 -26.52
N PHE A 234 -9.34 19.96 -26.67
CA PHE A 234 -10.15 18.96 -27.36
C PHE A 234 -10.92 18.04 -26.41
N GLY A 235 -10.61 18.17 -25.12
CA GLY A 235 -11.26 17.38 -24.08
C GLY A 235 -11.16 15.87 -24.25
N VAL A 236 -12.08 15.16 -23.62
CA VAL A 236 -12.07 13.70 -23.67
C VAL A 236 -13.15 13.18 -24.62
N MET A 237 -13.18 11.87 -24.83
CA MET A 237 -14.17 11.26 -25.73
C MET A 237 -15.59 11.68 -25.38
N LEU A 238 -16.38 11.98 -26.42
CA LEU A 238 -17.79 12.37 -26.23
C LEU A 238 -18.77 11.51 -27.01
N VAL A 239 -18.35 11.06 -28.19
CA VAL A 239 -19.23 10.26 -29.05
C VAL A 239 -18.51 8.99 -29.41
N ASN A 240 -19.27 7.99 -29.87
CA ASN A 240 -18.70 6.67 -30.07
C ASN A 240 -17.62 6.62 -31.16
N ASP A 241 -17.66 7.53 -32.13
CA ASP A 241 -16.59 7.62 -33.13
C ASP A 241 -15.26 8.06 -32.51
N ASP A 242 -15.31 8.58 -31.29
CA ASP A 242 -14.09 8.98 -30.58
C ASP A 242 -13.35 7.79 -29.93
N SER A 243 -14.01 6.63 -29.89
CA SER A 243 -13.46 5.47 -29.20
C SER A 243 -12.13 5.02 -29.81
N PHE A 244 -11.27 4.45 -28.97
CA PHE A 244 -10.00 3.91 -29.44
C PHE A 244 -10.17 2.43 -29.73
N LYS A 245 -9.90 2.05 -30.98
CA LYS A 245 -10.05 0.67 -31.43
C LYS A 245 -8.98 0.35 -32.46
N ILE A 246 -8.61 -0.92 -32.53
CA ILE A 246 -7.77 -1.40 -33.61
C ILE A 246 -8.69 -1.92 -34.72
N VAL A 247 -8.53 -1.36 -35.91
CA VAL A 247 -9.26 -1.83 -37.08
C VAL A 247 -8.28 -2.66 -37.88
N SER A 248 -8.35 -3.98 -37.72
CA SER A 248 -7.40 -4.84 -38.42
C SER A 248 -7.83 -5.06 -39.87
N PRO A 249 -6.89 -4.92 -40.80
CA PRO A 249 -7.25 -5.26 -42.18
C PRO A 249 -7.39 -6.76 -42.40
N VAL A 250 -6.89 -7.58 -41.48
CA VAL A 250 -6.81 -9.02 -41.70
CA VAL A 250 -6.84 -9.02 -41.71
C VAL A 250 -7.39 -9.91 -40.59
N TYR A 251 -7.19 -9.51 -39.33
CA TYR A 251 -7.52 -10.41 -38.21
C TYR A 251 -8.87 -10.16 -37.57
N THR A 252 -9.53 -11.26 -37.22
CA THR A 252 -10.69 -11.23 -36.35
C THR A 252 -10.20 -11.23 -34.89
N ASN A 253 -10.92 -10.57 -33.99
CA ASN A 253 -10.62 -10.65 -32.55
C ASN A 253 -10.34 -12.11 -32.17
N PRO A 254 -9.19 -12.40 -31.55
CA PRO A 254 -8.81 -13.80 -31.30
C PRO A 254 -9.77 -14.53 -30.36
N ILE A 255 -10.54 -13.79 -29.58
CA ILE A 255 -11.52 -14.40 -28.69
C ILE A 255 -12.56 -15.21 -29.48
N ALA A 256 -12.86 -14.79 -30.71
CA ALA A 256 -13.84 -15.52 -31.52
C ALA A 256 -13.41 -16.99 -31.70
N THR A 257 -12.12 -17.19 -31.95
CA THR A 257 -11.57 -18.54 -32.10
C THR A 257 -11.51 -19.28 -30.76
N ILE A 258 -10.95 -18.65 -29.75
CA ILE A 258 -10.84 -19.24 -28.42
C ILE A 258 -12.20 -19.72 -27.92
N SER A 259 -13.22 -18.91 -28.17
CA SER A 259 -14.59 -19.27 -27.79
C SER A 259 -15.25 -20.27 -28.75
N SER A 260 -15.56 -19.81 -29.97
CA SER A 260 -16.37 -20.60 -30.90
C SER A 260 -15.68 -21.87 -31.40
N SER A 261 -14.38 -21.80 -31.66
CA SER A 261 -13.68 -22.97 -32.22
C SER A 261 -13.18 -23.93 -31.15
N TRP A 262 -12.56 -23.40 -30.10
CA TRP A 262 -11.89 -24.24 -29.11
C TRP A 262 -12.76 -24.53 -27.89
N LEU A 263 -13.81 -23.74 -27.71
CA LEU A 263 -14.67 -23.84 -26.51
C LEU A 263 -13.87 -23.71 -25.22
N ASP A 264 -12.82 -22.89 -25.25
CA ASP A 264 -11.93 -22.74 -24.10
C ASP A 264 -12.29 -21.54 -23.22
N ILE A 265 -13.26 -20.76 -23.65
CA ILE A 265 -13.73 -19.63 -22.84
C ILE A 265 -15.24 -19.46 -23.07
N ARG A 266 -15.94 -19.09 -22.00
CA ARG A 266 -17.39 -18.97 -22.00
C ARG A 266 -17.82 -17.72 -21.25
N MET A 267 -19.09 -17.35 -21.37
CA MET A 267 -19.71 -16.38 -20.48
C MET A 267 -19.42 -16.75 -19.02
N SER A 268 -19.18 -15.74 -18.18
CA SER A 268 -18.92 -15.98 -16.76
C SER A 268 -20.19 -15.97 -15.90
N ALA A 269 -20.08 -16.53 -14.70
CA ALA A 269 -21.17 -16.46 -13.74
C ALA A 269 -21.47 -15.02 -13.30
N ASP A 270 -20.44 -14.19 -13.15
CA ASP A 270 -20.69 -12.79 -12.79
C ASP A 270 -21.49 -12.06 -13.87
N MET A 271 -21.13 -12.28 -15.13
CA MET A 271 -21.86 -11.67 -16.23
C MET A 271 -23.32 -12.16 -16.26
N GLU A 272 -23.53 -13.46 -16.00
CA GLU A 272 -24.90 -13.95 -15.96
C GLU A 272 -25.67 -13.27 -14.84
N SER A 273 -25.10 -13.24 -13.64
CA SER A 273 -25.78 -12.64 -12.49
C SER A 273 -26.15 -11.18 -12.73
N ILE A 274 -25.17 -10.40 -13.18
CA ILE A 274 -25.37 -8.97 -13.34
C ILE A 274 -26.25 -8.63 -14.54
N MET A 275 -25.92 -9.18 -15.71
CA MET A 275 -26.67 -8.82 -16.91
C MET A 275 -28.09 -9.41 -16.95
N LYS A 276 -28.26 -10.64 -16.47
CA LYS A 276 -29.61 -11.20 -16.34
C LYS A 276 -30.42 -10.45 -15.30
N GLY A 277 -29.80 -10.09 -14.19
CA GLY A 277 -30.49 -9.37 -13.13
C GLY A 277 -31.11 -8.09 -13.65
N TYR A 278 -30.34 -7.36 -14.46
CA TYR A 278 -30.79 -6.11 -15.04
C TYR A 278 -31.60 -6.30 -16.32
N GLN A 279 -31.75 -7.54 -16.78
CA GLN A 279 -32.37 -7.82 -18.08
C GLN A 279 -31.78 -6.91 -19.15
N ASP A 280 -30.45 -6.87 -19.16
CA ASP A 280 -29.70 -5.93 -19.97
C ASP A 280 -29.71 -6.36 -21.43
N PRO A 281 -30.22 -5.49 -22.33
CA PRO A 281 -30.32 -5.89 -23.74
C PRO A 281 -28.96 -6.06 -24.42
N ARG A 282 -27.88 -5.58 -23.80
CA ARG A 282 -26.55 -5.78 -24.36
C ARG A 282 -26.11 -7.24 -24.30
N ILE A 283 -26.83 -8.05 -23.52
CA ILE A 283 -26.45 -9.44 -23.32
C ILE A 283 -26.44 -10.21 -24.64
N ALA A 284 -27.30 -9.82 -25.56
CA ALA A 284 -27.51 -10.58 -26.80
C ALA A 284 -26.31 -10.48 -27.75
N SER A 285 -25.63 -9.35 -27.76
CA SER A 285 -24.45 -9.23 -28.61
C SER A 285 -23.17 -9.62 -27.85
N TYR A 286 -23.22 -9.54 -26.53
CA TYR A 286 -22.05 -9.91 -25.71
C TYR A 286 -21.84 -11.42 -25.72
N PHE A 287 -22.94 -12.17 -25.71
CA PHE A 287 -22.91 -13.62 -25.54
C PHE A 287 -23.87 -14.32 -26.49
N ASP A 288 -23.61 -15.60 -26.76
CA ASP A 288 -24.52 -16.44 -27.52
C ASP A 288 -25.36 -17.27 -26.56
N THR A 289 -26.58 -17.61 -26.96
CA THR A 289 -27.37 -18.53 -26.15
C THR A 289 -26.68 -19.90 -26.08
N SER A 290 -26.90 -20.58 -24.98
CA SER A 290 -26.22 -21.84 -24.66
C SER A 290 -26.69 -23.00 -25.55
N LYS A 291 -25.74 -23.87 -25.92
CA LYS A 291 -26.09 -25.09 -26.66
C LYS A 291 -26.77 -26.09 -25.74
N GLN A 292 -26.28 -26.19 -24.50
CA GLN A 292 -26.81 -27.13 -23.53
C GLN A 292 -28.18 -26.72 -23.01
N PHE A 293 -28.37 -25.42 -22.88
CA PHE A 293 -29.62 -24.85 -22.37
C PHE A 293 -30.19 -23.92 -23.44
N PRO A 294 -30.86 -24.50 -24.45
CA PRO A 294 -31.30 -23.74 -25.63
C PRO A 294 -32.02 -22.45 -25.29
N ASN A 295 -31.62 -21.38 -25.98
CA ASN A 295 -32.24 -20.06 -25.85
C ASN A 295 -32.01 -19.37 -24.50
N GLU A 296 -31.11 -19.92 -23.70
CA GLU A 296 -30.75 -19.31 -22.42
C GLU A 296 -29.31 -18.81 -22.41
N TYR A 297 -29.08 -17.74 -21.65
CA TYR A 297 -27.73 -17.25 -21.38
C TYR A 297 -27.24 -17.84 -20.08
N LYS A 298 -26.23 -18.71 -20.18
CA LYS A 298 -25.71 -19.40 -19.00
C LYS A 298 -24.20 -19.23 -18.88
N GLY A 299 -23.76 -18.79 -17.71
CA GLY A 299 -22.35 -18.53 -17.48
C GLY A 299 -21.72 -19.59 -16.61
N VAL A 300 -20.39 -19.61 -16.63
CA VAL A 300 -19.58 -20.57 -15.90
C VAL A 300 -18.88 -19.89 -14.72
N ARG A 301 -18.88 -20.55 -13.57
CA ARG A 301 -18.23 -20.02 -12.37
C ARG A 301 -16.73 -20.17 -12.49
N THR A 302 -15.98 -19.15 -12.06
CA THR A 302 -14.51 -19.26 -12.08
C THR A 302 -13.94 -19.65 -10.71
N GLY A 303 -12.82 -20.36 -10.73
CA GLY A 303 -12.19 -20.84 -9.52
C GLY A 303 -12.90 -22.05 -8.94
N ILE A 304 -13.17 -23.04 -9.79
CA ILE A 304 -13.93 -24.20 -9.39
C ILE A 304 -13.19 -25.50 -9.66
N ALA A 305 -13.74 -26.59 -9.12
CA ALA A 305 -13.27 -27.91 -9.48
C ALA A 305 -13.93 -28.30 -10.80
N ILE A 306 -13.15 -28.86 -11.70
CA ILE A 306 -13.68 -29.27 -13.00
C ILE A 306 -13.41 -30.75 -13.25
N SER A 307 -14.49 -31.52 -13.35
CA SER A 307 -14.37 -32.95 -13.58
C SER A 307 -13.99 -33.22 -15.03
N GLY A 308 -14.77 -32.66 -15.95
CA GLY A 308 -14.49 -32.76 -17.37
C GLY A 308 -14.93 -31.50 -18.10
N LYS A 309 -14.23 -31.18 -19.18
CA LYS A 309 -14.53 -29.98 -19.96
C LYS A 309 -15.97 -29.99 -20.48
N SER A 310 -16.49 -31.17 -20.80
CA SER A 310 -17.82 -31.26 -21.35
C SER A 310 -18.90 -30.82 -20.37
N ASP A 311 -18.56 -30.76 -19.08
CA ASP A 311 -19.52 -30.33 -18.07
C ASP A 311 -19.95 -28.88 -18.24
N HIS A 312 -19.08 -28.05 -18.82
CA HIS A 312 -19.40 -26.63 -18.98
C HIS A 312 -19.15 -26.07 -20.38
N GLN A 313 -18.59 -26.87 -21.29
CA GLN A 313 -18.21 -26.32 -22.60
C GLN A 313 -19.40 -25.87 -23.41
N ASP A 314 -20.58 -26.38 -23.10
CA ASP A 314 -21.79 -26.03 -23.84
C ASP A 314 -22.64 -24.97 -23.15
N PHE A 315 -22.06 -24.31 -22.15
CA PHE A 315 -22.65 -23.07 -21.62
C PHE A 315 -22.50 -21.96 -22.67
N SER A 316 -22.95 -20.74 -22.37
CA SER A 316 -22.94 -19.67 -23.36
C SER A 316 -21.54 -19.28 -23.86
N GLY A 317 -21.40 -19.14 -25.16
CA GLY A 317 -20.15 -18.67 -25.74
C GLY A 317 -20.08 -17.15 -25.78
N ILE A 318 -18.90 -16.62 -26.10
CA ILE A 318 -18.74 -15.19 -26.31
C ILE A 318 -19.39 -14.85 -27.65
N GLY A 319 -20.10 -13.73 -27.70
CA GLY A 319 -20.99 -13.44 -28.81
C GLY A 319 -20.45 -12.57 -29.93
N ALA A 320 -21.38 -11.96 -30.66
CA ALA A 320 -21.05 -11.24 -31.89
C ALA A 320 -20.03 -10.11 -31.72
N VAL A 321 -19.90 -9.57 -30.51
CA VAL A 321 -18.97 -8.45 -30.31
C VAL A 321 -17.53 -8.83 -30.61
N VAL A 322 -17.19 -10.11 -30.50
CA VAL A 322 -15.84 -10.56 -30.86
C VAL A 322 -15.72 -11.11 -32.27
N ARG A 323 -16.86 -11.24 -32.96
CA ARG A 323 -16.84 -11.71 -34.35
C ARG A 323 -16.72 -10.49 -35.26
N SER A 324 -15.55 -9.88 -35.21
CA SER A 324 -15.30 -8.59 -35.81
C SER A 324 -13.81 -8.40 -36.01
N LYS A 325 -13.43 -7.61 -37.00
CA LYS A 325 -12.05 -7.23 -37.24
C LYS A 325 -11.71 -5.93 -36.51
N GLU A 326 -12.65 -5.42 -35.72
CA GLU A 326 -12.42 -4.23 -34.90
C GLU A 326 -12.38 -4.61 -33.43
N ILE A 327 -11.30 -4.21 -32.77
CA ILE A 327 -11.07 -4.58 -31.38
C ILE A 327 -11.00 -3.31 -30.55
N TYR A 328 -12.02 -3.10 -29.72
CA TYR A 328 -12.12 -1.88 -28.92
C TYR A 328 -11.24 -1.94 -27.69
N LEU A 329 -10.48 -0.88 -27.47
CA LEU A 329 -9.58 -0.82 -26.32
C LEU A 329 -9.95 0.29 -25.33
N MET A 330 -10.71 1.28 -25.78
CA MET A 330 -11.25 2.30 -24.87
C MET A 330 -12.49 2.93 -25.51
N ASN A 331 -13.66 2.66 -24.94
CA ASN A 331 -14.92 3.20 -25.46
C ASN A 331 -15.23 4.58 -24.93
N ALA A 332 -15.96 5.37 -25.71
CA ALA A 332 -16.42 6.66 -25.22
C ALA A 332 -17.18 6.55 -23.89
N ALA A 333 -17.92 5.46 -23.68
CA ALA A 333 -18.66 5.29 -22.43
C ALA A 333 -17.75 5.42 -21.20
N GLU A 334 -16.55 4.85 -21.29
CA GLU A 334 -15.60 4.92 -20.20
C GLU A 334 -15.27 6.37 -19.83
N ALA A 335 -15.16 7.25 -20.82
CA ALA A 335 -14.87 8.64 -20.54
C ALA A 335 -15.98 9.28 -19.68
N TYR A 336 -17.24 8.95 -19.97
CA TYR A 336 -18.33 9.44 -19.15
C TYR A 336 -18.29 8.89 -17.73
N PHE A 337 -17.97 7.61 -17.58
CA PHE A 337 -17.93 7.01 -16.24
C PHE A 337 -16.72 7.51 -15.43
N LEU A 338 -15.63 7.82 -16.12
CA LEU A 338 -14.48 8.44 -15.47
C LEU A 338 -14.88 9.83 -14.98
N ARG A 339 -15.52 10.61 -15.84
CA ARG A 339 -15.97 11.94 -15.45
C ARG A 339 -17.01 11.89 -14.34
N ALA A 340 -17.90 10.90 -14.38
CA ALA A 340 -18.89 10.74 -13.32
C ALA A 340 -18.23 10.53 -11.96
N GLU A 341 -17.23 9.64 -11.91
CA GLU A 341 -16.51 9.44 -10.67
C GLU A 341 -15.76 10.70 -10.25
N GLY A 342 -15.12 11.39 -11.20
CA GLY A 342 -14.47 12.64 -10.92
C GLY A 342 -15.43 13.66 -10.32
N ALA A 343 -16.65 13.69 -10.83
CA ALA A 343 -17.66 14.62 -10.30
C ALA A 343 -18.04 14.24 -8.87
N LEU A 344 -18.15 12.94 -8.59
CA LEU A 344 -18.38 12.49 -7.21
C LEU A 344 -17.32 13.03 -6.27
N ARG A 345 -16.09 13.13 -6.78
CA ARG A 345 -14.96 13.60 -6.00
C ARG A 345 -14.82 15.13 -5.96
N GLY A 346 -15.73 15.82 -6.65
CA GLY A 346 -15.73 17.28 -6.64
C GLY A 346 -14.81 17.92 -7.66
N TRP A 347 -14.34 17.13 -8.63
CA TRP A 347 -13.39 17.63 -9.62
C TRP A 347 -14.06 18.32 -10.80
N ASN A 348 -13.29 19.10 -11.55
CA ASN A 348 -13.81 19.86 -12.67
C ASN A 348 -13.97 18.99 -13.91
N MET A 349 -15.12 18.33 -14.01
CA MET A 349 -15.34 17.31 -15.02
C MET A 349 -16.34 17.69 -16.11
N GLY A 350 -17.10 18.77 -15.91
CA GLY A 350 -18.16 19.11 -16.85
C GLY A 350 -19.34 18.19 -16.63
N GLY A 351 -20.28 18.63 -15.82
CA GLY A 351 -21.49 17.88 -15.58
C GLY A 351 -21.58 17.39 -14.15
N THR A 352 -22.78 16.99 -13.78
CA THR A 352 -22.99 16.36 -12.48
C THR A 352 -22.71 14.86 -12.59
N ALA A 353 -22.44 14.22 -11.46
CA ALA A 353 -22.24 12.77 -11.46
C ALA A 353 -23.43 12.03 -12.09
N GLN A 354 -24.65 12.45 -11.76
CA GLN A 354 -25.81 11.77 -12.33
C GLN A 354 -25.90 11.94 -13.84
N GLU A 355 -25.67 13.15 -14.33
CA GLU A 355 -25.76 13.42 -15.77
C GLU A 355 -24.74 12.57 -16.54
N LEU A 356 -23.53 12.50 -15.99
CA LEU A 356 -22.43 11.81 -16.65
C LEU A 356 -22.64 10.29 -16.62
N TYR A 357 -23.13 9.78 -15.50
CA TYR A 357 -23.50 8.36 -15.37
C TYR A 357 -24.53 7.98 -16.43
N GLU A 358 -25.59 8.77 -16.52
CA GLU A 358 -26.67 8.43 -17.45
C GLU A 358 -26.22 8.58 -18.90
N ALA A 359 -25.36 9.57 -19.16
CA ALA A 359 -24.80 9.74 -20.49
C ALA A 359 -23.89 8.58 -20.89
N GLY A 360 -23.16 8.03 -19.92
CA GLY A 360 -22.31 6.88 -20.20
C GLY A 360 -23.11 5.65 -20.57
N ILE A 361 -24.20 5.41 -19.86
CA ILE A 361 -25.07 4.27 -20.17
C ILE A 361 -25.66 4.42 -21.58
N LYS A 362 -26.16 5.61 -21.90
CA LYS A 362 -26.70 5.87 -23.23
C LYS A 362 -25.64 5.67 -24.33
N ALA A 363 -24.44 6.17 -24.10
CA ALA A 363 -23.36 5.99 -25.06
C ALA A 363 -23.11 4.51 -25.35
N SER A 364 -23.07 3.70 -24.29
CA SER A 364 -22.85 2.26 -24.45
C SER A 364 -24.01 1.58 -25.19
N PHE A 365 -25.24 1.90 -24.81
CA PHE A 365 -26.41 1.34 -25.51
C PHE A 365 -26.34 1.69 -26.99
N ASP A 366 -26.03 2.95 -27.31
CA ASP A 366 -25.91 3.36 -28.70
C ASP A 366 -24.79 2.61 -29.41
N GLN A 367 -23.66 2.44 -28.71
CA GLN A 367 -22.50 1.74 -29.27
CA GLN A 367 -22.52 1.76 -29.29
C GLN A 367 -22.87 0.32 -29.68
N ARG A 368 -23.70 -0.32 -28.86
CA ARG A 368 -24.06 -1.71 -29.08
C ARG A 368 -25.32 -1.88 -29.94
N GLY A 369 -25.95 -0.76 -30.31
CA GLY A 369 -27.10 -0.79 -31.19
C GLY A 369 -28.38 -1.30 -30.55
N VAL A 370 -28.53 -1.09 -29.24
CA VAL A 370 -29.73 -1.54 -28.54
C VAL A 370 -30.57 -0.35 -28.06
N SER A 371 -31.87 -0.56 -28.02
CA SER A 371 -32.80 0.45 -27.57
C SER A 371 -33.16 0.21 -26.11
N GLY A 372 -33.92 1.14 -25.53
CA GLY A 372 -34.45 0.96 -24.20
C GLY A 372 -33.64 1.58 -23.09
N ALA A 373 -32.70 2.46 -23.44
CA ALA A 373 -31.83 3.07 -22.43
C ALA A 373 -32.60 3.83 -21.35
N ALA A 374 -33.59 4.61 -21.76
CA ALA A 374 -34.32 5.44 -20.81
C ALA A 374 -34.96 4.63 -19.68
N GLY A 375 -35.62 3.53 -20.04
CA GLY A 375 -36.27 2.67 -19.07
C GLY A 375 -35.28 1.95 -18.18
N TYR A 376 -34.18 1.51 -18.79
CA TYR A 376 -33.10 0.83 -18.08
C TYR A 376 -32.47 1.77 -17.04
N ILE A 377 -32.20 2.99 -17.47
CA ILE A 377 -31.61 4.02 -16.63
C ILE A 377 -32.52 4.41 -15.46
N ALA A 378 -33.84 4.36 -15.68
CA ALA A 378 -34.77 4.78 -14.64
C ALA A 378 -35.18 3.66 -13.68
N ASP A 379 -34.76 2.43 -13.95
CA ASP A 379 -35.20 1.28 -13.16
C ASP A 379 -34.52 1.22 -11.79
N ASN A 380 -35.33 1.29 -10.73
CA ASN A 380 -34.82 1.24 -9.36
C ASN A 380 -35.26 -0.02 -8.63
N THR A 381 -35.41 -1.12 -9.38
CA THR A 381 -35.86 -2.37 -8.80
C THR A 381 -34.94 -3.54 -9.12
N LYS A 382 -34.61 -3.70 -10.40
CA LYS A 382 -33.80 -4.85 -10.82
C LYS A 382 -32.39 -4.80 -10.23
N THR A 383 -31.95 -5.97 -9.77
CA THR A 383 -30.62 -6.12 -9.18
CA THR A 383 -30.64 -6.12 -9.15
C THR A 383 -30.04 -7.47 -9.60
N ALA A 384 -28.81 -7.74 -9.20
CA ALA A 384 -28.13 -8.97 -9.63
C ALA A 384 -28.93 -10.23 -9.27
N ALA A 385 -28.89 -11.21 -10.17
CA ALA A 385 -29.62 -12.47 -9.99
C ALA A 385 -28.78 -13.55 -9.33
N ALA A 386 -29.45 -14.47 -8.63
CA ALA A 386 -28.76 -15.63 -8.08
C ALA A 386 -28.17 -16.44 -9.22
N TYR A 387 -27.03 -17.09 -8.94
CA TYR A 387 -26.35 -17.90 -9.92
C TYR A 387 -26.52 -19.40 -9.63
N VAL A 388 -26.91 -20.15 -10.66
CA VAL A 388 -27.08 -21.59 -10.56
C VAL A 388 -26.31 -22.33 -11.64
N ASP A 389 -25.54 -23.33 -11.22
CA ASP A 389 -24.90 -24.29 -12.11
C ASP A 389 -25.75 -25.56 -12.00
N PRO A 390 -26.68 -25.75 -12.94
CA PRO A 390 -27.77 -26.75 -12.78
C PRO A 390 -27.30 -28.14 -12.33
N ASN A 391 -26.28 -28.70 -12.97
CA ASN A 391 -25.82 -30.04 -12.63
C ASN A 391 -24.73 -30.08 -11.56
N PHE A 392 -24.30 -28.92 -11.09
CA PHE A 392 -23.27 -28.83 -10.07
C PHE A 392 -23.59 -27.71 -9.08
N PRO A 393 -24.60 -27.93 -8.23
CA PRO A 393 -25.10 -26.90 -7.31
C PRO A 393 -24.06 -26.40 -6.32
N GLU A 394 -22.97 -27.13 -6.13
CA GLU A 394 -21.90 -26.67 -5.26
C GLU A 394 -21.31 -25.37 -5.78
N ASN A 395 -21.57 -25.05 -7.05
CA ASN A 395 -21.07 -23.82 -7.66
C ASN A 395 -22.05 -22.65 -7.60
N ASN A 396 -23.21 -22.87 -6.98
CA ASN A 396 -24.24 -21.84 -6.89
C ASN A 396 -23.86 -20.69 -5.98
N SER A 397 -24.49 -19.54 -6.18
CA SER A 397 -24.33 -18.43 -5.25
C SER A 397 -25.51 -17.47 -5.25
N ASP A 398 -25.83 -16.92 -4.08
CA ASP A 398 -26.69 -15.76 -3.98
C ASP A 398 -25.98 -14.61 -4.69
N PRO A 399 -26.74 -13.64 -5.20
CA PRO A 399 -26.10 -12.50 -5.87
C PRO A 399 -25.25 -11.69 -4.90
N VAL A 400 -24.20 -11.05 -5.42
CA VAL A 400 -23.34 -10.19 -4.61
C VAL A 400 -23.35 -8.71 -5.02
N ASN A 401 -23.60 -8.41 -6.30
CA ASN A 401 -23.60 -7.01 -6.71
C ASN A 401 -25.02 -6.47 -6.59
N ASN A 402 -25.39 -6.10 -5.38
CA ASN A 402 -26.78 -5.84 -5.04
C ASN A 402 -27.07 -4.36 -5.05
N VAL A 403 -27.20 -3.83 -6.26
CA VAL A 403 -27.42 -2.42 -6.50
C VAL A 403 -28.26 -2.29 -7.77
N THR A 404 -29.15 -1.31 -7.79
CA THR A 404 -29.97 -1.08 -8.97
C THR A 404 -29.27 -0.12 -9.93
N VAL A 405 -29.84 0.06 -11.11
CA VAL A 405 -29.28 0.98 -12.08
C VAL A 405 -29.58 2.44 -11.73
N ALA A 406 -30.82 2.71 -11.34
CA ALA A 406 -31.28 4.10 -11.17
C ALA A 406 -30.44 4.91 -10.20
N TRP A 407 -30.11 6.14 -10.62
CA TRP A 407 -29.40 7.07 -9.75
C TRP A 407 -30.28 7.47 -8.58
N ASP A 408 -29.69 7.50 -7.40
CA ASP A 408 -30.34 8.00 -6.21
C ASP A 408 -29.44 9.08 -5.61
N ALA A 409 -29.89 10.33 -5.66
CA ALA A 409 -29.10 11.45 -5.18
C ALA A 409 -28.75 11.33 -3.70
N ALA A 410 -29.57 10.59 -2.96
CA ALA A 410 -29.43 10.47 -1.51
C ALA A 410 -28.55 9.28 -1.10
N ALA A 411 -28.11 8.51 -2.09
CA ALA A 411 -27.25 7.36 -1.81
C ALA A 411 -25.88 7.78 -1.30
N THR A 412 -25.20 6.88 -0.59
CA THR A 412 -23.85 7.15 -0.14
C THR A 412 -22.90 7.25 -1.33
N ASN A 413 -21.75 7.87 -1.11
CA ASN A 413 -20.72 7.93 -2.15
C ASN A 413 -20.28 6.54 -2.60
N GLU A 414 -20.20 5.60 -1.67
CA GLU A 414 -19.85 4.22 -2.04
C GLU A 414 -20.88 3.58 -2.96
N VAL A 415 -22.17 3.78 -2.68
CA VAL A 415 -23.20 3.21 -3.53
C VAL A 415 -23.21 3.89 -4.91
N LYS A 416 -23.03 5.21 -4.92
CA LYS A 416 -22.91 5.95 -6.18
C LYS A 416 -21.75 5.41 -7.01
N LEU A 417 -20.60 5.20 -6.37
CA LEU A 417 -19.45 4.67 -7.07
C LEU A 417 -19.72 3.25 -7.55
N GLN A 418 -20.36 2.43 -6.73
CA GLN A 418 -20.71 1.08 -7.14
C GLN A 418 -21.58 1.07 -8.41
N LYS A 419 -22.52 2.00 -8.49
CA LYS A 419 -23.37 2.10 -9.68
C LYS A 419 -22.52 2.47 -10.89
N ILE A 420 -21.70 3.51 -10.74
CA ILE A 420 -20.84 3.96 -11.84
C ILE A 420 -19.92 2.85 -12.34
N ILE A 421 -19.24 2.19 -11.43
CA ILE A 421 -18.28 1.15 -11.84
C ILE A 421 -19.00 -0.08 -12.41
N THR A 422 -20.18 -0.40 -11.89
CA THR A 422 -20.95 -1.52 -12.46
C THR A 422 -21.28 -1.25 -13.93
N GLN A 423 -21.75 -0.04 -14.20
CA GLN A 423 -22.10 0.31 -15.58
C GLN A 423 -20.85 0.41 -16.47
N LYS A 424 -19.76 0.90 -15.89
CA LYS A 424 -18.48 0.97 -16.58
C LYS A 424 -18.01 -0.44 -16.95
N TRP A 425 -18.11 -1.35 -15.99
CA TRP A 425 -17.74 -2.75 -16.18
C TRP A 425 -18.56 -3.39 -17.32
N ILE A 426 -19.88 -3.17 -17.32
CA ILE A 426 -20.69 -3.74 -18.40
C ILE A 426 -20.26 -3.15 -19.75
N ALA A 427 -20.09 -1.84 -19.81
CA ALA A 427 -19.76 -1.17 -21.06
C ALA A 427 -18.41 -1.59 -21.66
N GLY A 428 -17.46 -1.97 -20.81
CA GLY A 428 -16.11 -2.25 -21.27
C GLY A 428 -15.88 -3.67 -21.78
N PHE A 429 -16.88 -4.54 -21.66
CA PHE A 429 -16.75 -5.91 -22.15
C PHE A 429 -16.39 -5.87 -23.63
N PRO A 430 -15.48 -6.76 -24.08
CA PRO A 430 -14.79 -7.87 -23.41
C PRO A 430 -13.36 -7.55 -22.95
N GLU A 431 -13.04 -6.27 -22.74
CA GLU A 431 -11.67 -5.88 -22.42
C GLU A 431 -11.33 -6.03 -20.92
N GLY A 432 -10.93 -7.24 -20.56
CA GLY A 432 -10.80 -7.60 -19.16
C GLY A 432 -9.72 -6.89 -18.37
N GLN A 433 -8.67 -6.40 -19.03
CA GLN A 433 -7.56 -5.79 -18.30
C GLN A 433 -7.99 -4.52 -17.56
N GLU A 434 -8.68 -3.61 -18.23
CA GLU A 434 -9.12 -2.40 -17.56
C GLU A 434 -10.12 -2.74 -16.45
N ALA A 435 -11.01 -3.70 -16.69
CA ALA A 435 -11.98 -4.09 -15.67
C ALA A 435 -11.30 -4.66 -14.42
N TRP A 436 -10.25 -5.46 -14.63
CA TRP A 436 -9.47 -6.02 -13.51
C TRP A 436 -8.77 -4.91 -12.72
N SER A 437 -8.20 -3.93 -13.42
CA SER A 437 -7.58 -2.81 -12.73
C SER A 437 -8.60 -1.99 -11.93
N ASP A 438 -9.75 -1.68 -12.53
CA ASP A 438 -10.80 -0.95 -11.84
C ASP A 438 -11.35 -1.74 -10.65
N TYR A 439 -11.45 -3.06 -10.78
CA TYR A 439 -11.93 -3.89 -9.69
C TYR A 439 -10.94 -3.88 -8.53
N ARG A 440 -9.65 -3.98 -8.85
CA ARG A 440 -8.65 -3.91 -7.79
C ARG A 440 -8.74 -2.57 -7.05
N ARG A 441 -8.83 -1.47 -7.80
CA ARG A 441 -8.88 -0.17 -7.17
C ARG A 441 -10.14 0.06 -6.33
N THR A 442 -11.31 -0.28 -6.88
CA THR A 442 -12.58 0.13 -6.26
C THR A 442 -13.30 -0.97 -5.51
N GLY A 443 -13.03 -2.23 -5.83
CA GLY A 443 -13.77 -3.36 -5.31
C GLY A 443 -15.10 -3.58 -6.01
N TYR A 444 -15.34 -2.89 -7.13
CA TYR A 444 -16.63 -2.97 -7.83
C TYR A 444 -16.42 -3.42 -9.27
N PRO A 445 -17.44 -4.03 -9.89
CA PRO A 445 -18.63 -4.52 -9.17
C PRO A 445 -18.22 -5.66 -8.24
N LYS A 446 -19.10 -6.01 -7.30
CA LYS A 446 -18.87 -7.18 -6.46
C LYS A 446 -18.86 -8.43 -7.35
N LEU A 447 -17.89 -9.30 -7.13
CA LEU A 447 -17.71 -10.52 -7.91
C LEU A 447 -17.78 -11.77 -7.03
N PHE A 448 -18.18 -12.90 -7.61
CA PHE A 448 -18.20 -14.14 -6.85
C PHE A 448 -16.79 -14.59 -6.51
N PRO A 449 -16.53 -14.89 -5.22
CA PRO A 449 -15.21 -15.39 -4.84
C PRO A 449 -14.92 -16.79 -5.39
N VAL A 450 -13.66 -17.12 -5.61
CA VAL A 450 -13.33 -18.47 -6.05
C VAL A 450 -13.67 -19.49 -4.97
N LEU A 451 -13.92 -20.73 -5.38
CA LEU A 451 -14.21 -21.82 -4.46
C LEU A 451 -12.98 -22.66 -4.20
N LYS A 452 -12.01 -22.59 -5.11
CA LYS A 452 -10.75 -23.29 -4.98
C LYS A 452 -9.59 -22.30 -5.09
N ASN A 453 -8.70 -22.31 -4.10
CA ASN A 453 -7.58 -21.39 -4.03
C ASN A 453 -6.31 -22.19 -3.76
N TYR A 454 -5.50 -22.40 -4.79
CA TYR A 454 -4.30 -23.22 -4.70
C TYR A 454 -3.02 -22.37 -4.63
N SER A 455 -3.13 -21.17 -4.06
CA SER A 455 -1.99 -20.27 -3.99
C SER A 455 -1.06 -20.53 -2.81
N GLY A 456 -1.44 -21.45 -1.93
CA GLY A 456 -0.63 -21.73 -0.76
C GLY A 456 -0.56 -20.58 0.23
N GLY A 457 -1.55 -19.70 0.19
CA GLY A 457 -1.62 -18.59 1.13
C GLY A 457 -1.14 -17.26 0.58
N ALA A 458 -0.51 -17.27 -0.59
CA ALA A 458 0.06 -16.05 -1.17
C ALA A 458 -1.03 -15.11 -1.69
N ILE A 459 -2.16 -15.67 -2.10
CA ILE A 459 -3.25 -14.90 -2.68
C ILE A 459 -4.52 -15.20 -1.92
N THR A 460 -5.20 -14.15 -1.45
CA THR A 460 -6.42 -14.36 -0.66
C THR A 460 -7.62 -14.62 -1.57
N THR A 461 -8.57 -15.39 -1.07
CA THR A 461 -9.82 -15.58 -1.78
C THR A 461 -10.62 -14.28 -1.81
N GLU A 462 -10.58 -13.54 -0.72
CA GLU A 462 -11.36 -12.32 -0.60
C GLU A 462 -10.95 -11.24 -1.62
N PHE A 463 -9.64 -11.00 -1.74
CA PHE A 463 -9.16 -9.93 -2.61
C PHE A 463 -8.63 -10.40 -3.95
N GLY A 464 -8.38 -11.70 -4.07
CA GLY A 464 -7.97 -12.25 -5.35
C GLY A 464 -6.60 -11.79 -5.80
N VAL A 465 -6.36 -11.95 -7.10
CA VAL A 465 -5.04 -11.67 -7.65
C VAL A 465 -4.82 -10.17 -7.76
N ARG A 466 -3.77 -9.69 -7.11
CA ARG A 466 -3.47 -8.25 -7.12
C ARG A 466 -2.42 -7.89 -8.17
N ARG A 467 -1.61 -8.87 -8.58
CA ARG A 467 -0.59 -8.65 -9.60
C ARG A 467 -0.09 -9.99 -10.09
N ILE A 468 0.73 -9.95 -11.15
CA ILE A 468 1.44 -11.14 -11.58
C ILE A 468 2.91 -10.99 -11.21
N ASN A 469 3.53 -12.12 -10.84
CA ASN A 469 4.94 -12.14 -10.44
C ASN A 469 5.89 -11.97 -11.62
N PHE A 470 7.09 -11.48 -11.34
CA PHE A 470 8.06 -11.20 -12.40
C PHE A 470 8.38 -12.49 -13.20
N VAL A 471 8.68 -12.32 -14.48
CA VAL A 471 8.63 -13.45 -15.41
C VAL A 471 9.95 -14.22 -15.58
N GLN A 472 9.82 -15.43 -16.12
CA GLN A 472 10.94 -16.36 -16.24
C GLN A 472 12.06 -15.85 -17.11
N SER A 473 11.73 -15.22 -18.23
CA SER A 473 12.77 -14.75 -19.14
C SER A 473 13.63 -13.70 -18.45
N GLU A 474 13.02 -12.94 -17.54
CA GLU A 474 13.71 -11.90 -16.80
C GLU A 474 14.58 -12.47 -15.69
N LYS A 475 14.05 -13.44 -14.95
CA LYS A 475 14.88 -14.10 -13.95
C LYS A 475 16.06 -14.82 -14.59
N ALA A 476 15.88 -15.31 -15.81
CA ALA A 476 16.94 -16.02 -16.52
C ALA A 476 17.99 -15.09 -17.10
N GLY A 477 17.55 -14.08 -17.84
CA GLY A 477 18.47 -13.23 -18.58
C GLY A 477 18.74 -11.85 -18.00
N ASN A 478 18.02 -11.48 -16.95
CA ASN A 478 18.17 -10.16 -16.35
C ASN A 478 17.98 -10.25 -14.83
N SER A 479 18.67 -11.19 -14.20
CA SER A 479 18.47 -11.43 -12.77
C SER A 479 18.77 -10.17 -11.95
N GLY A 480 19.75 -9.39 -12.37
CA GLY A 480 20.08 -8.16 -11.67
C GLY A 480 18.93 -7.17 -11.76
N GLY A 481 18.28 -7.13 -12.91
CA GLY A 481 17.14 -6.26 -13.11
C GLY A 481 15.97 -6.70 -12.26
N VAL A 482 15.69 -7.99 -12.24
CA VAL A 482 14.61 -8.50 -11.40
C VAL A 482 14.82 -8.11 -9.93
N ALA A 483 16.07 -8.17 -9.47
CA ALA A 483 16.35 -7.77 -8.09
C ALA A 483 15.94 -6.32 -7.85
N THR A 484 16.19 -5.43 -8.81
CA THR A 484 15.72 -4.05 -8.67
C THR A 484 14.20 -3.98 -8.68
N GLY A 485 13.55 -4.83 -9.47
CA GLY A 485 12.09 -4.86 -9.48
C GLY A 485 11.53 -5.30 -8.14
N VAL A 486 12.11 -6.33 -7.56
CA VAL A 486 11.67 -6.80 -6.25
C VAL A 486 11.88 -5.71 -5.19
N SER A 487 13.01 -5.02 -5.24
CA SER A 487 13.25 -3.91 -4.34
CA SER A 487 13.25 -3.91 -4.34
C SER A 487 12.13 -2.88 -4.46
N LYS A 488 11.79 -2.52 -5.70
CA LYS A 488 10.82 -1.47 -5.93
CA LYS A 488 10.81 -1.47 -5.94
C LYS A 488 9.37 -1.92 -5.73
N LEU A 489 9.18 -3.22 -5.55
CA LEU A 489 7.88 -3.81 -5.21
C LEU A 489 7.59 -3.72 -3.71
N GLY A 490 8.64 -3.74 -2.88
CA GLY A 490 8.48 -3.53 -1.44
C GLY A 490 8.02 -4.72 -0.63
N GLY A 491 7.89 -5.88 -1.27
CA GLY A 491 7.40 -7.07 -0.59
C GLY A 491 7.60 -8.27 -1.48
N PRO A 492 7.07 -9.43 -1.05
CA PRO A 492 7.26 -10.69 -1.78
C PRO A 492 6.77 -10.64 -3.22
N ASP A 493 7.52 -11.26 -4.12
CA ASP A 493 7.19 -11.27 -5.54
C ASP A 493 6.19 -12.38 -5.83
N ASN A 494 4.94 -12.15 -5.45
CA ASN A 494 3.86 -13.09 -5.71
C ASN A 494 2.58 -12.31 -6.04
N GLY A 495 1.49 -13.03 -6.26
CA GLY A 495 0.28 -12.41 -6.76
C GLY A 495 -0.57 -11.69 -5.72
N GLY A 496 -0.23 -11.80 -4.44
CA GLY A 496 -0.97 -11.13 -3.39
C GLY A 496 -0.43 -9.77 -3.00
N THR A 497 0.80 -9.47 -3.40
CA THR A 497 1.41 -8.20 -3.03
C THR A 497 0.84 -7.07 -3.88
N ARG A 498 0.44 -5.99 -3.22
CA ARG A 498 -0.21 -4.88 -3.92
C ARG A 498 0.77 -3.96 -4.62
N VAL A 499 0.48 -3.64 -5.88
CA VAL A 499 1.25 -2.63 -6.60
C VAL A 499 0.98 -1.25 -5.99
N TRP A 500 1.85 -0.29 -6.31
CA TRP A 500 1.79 1.05 -5.73
C TRP A 500 0.41 1.73 -5.74
N TRP A 501 -0.31 1.71 -6.86
CA TRP A 501 -1.60 2.40 -6.86
C TRP A 501 -2.70 1.61 -6.12
N ASP A 502 -2.47 0.32 -5.90
CA ASP A 502 -3.47 -0.57 -5.30
C ASP A 502 -3.35 -0.58 -3.78
N VAL A 503 -3.29 0.61 -3.20
CA VAL A 503 -3.07 0.73 -1.76
C VAL A 503 -4.27 0.22 -0.98
N ASN A 504 -4.02 -0.41 0.16
CA ASN A 504 -5.11 -0.80 1.05
C ASN A 504 -5.69 0.42 1.77
N ALA A 505 -6.65 1.06 1.13
CA ALA A 505 -7.22 2.32 1.58
C ALA A 505 -8.65 2.36 1.05
N PRO A 506 -9.50 3.18 1.67
CA PRO A 506 -10.89 3.23 1.20
C PRO A 506 -11.04 4.04 -0.10
N ASN A 507 -12.21 3.94 -0.73
CA ASN A 507 -12.43 4.65 -1.98
C ASN A 507 -12.53 6.16 -1.84
N PHE A 508 -12.91 6.63 -0.65
CA PHE A 508 -13.06 8.06 -0.40
C PHE A 508 -12.41 8.46 0.90
N ASN B 27 -12.56 8.75 43.29
CA ASN B 27 -11.79 7.62 43.77
C ASN B 27 -12.03 6.36 42.95
N HIS B 28 -13.25 6.22 42.45
CA HIS B 28 -13.61 5.07 41.61
C HIS B 28 -13.03 5.21 40.21
N ILE B 29 -12.69 6.44 39.84
CA ILE B 29 -12.13 6.73 38.52
C ILE B 29 -10.61 6.66 38.51
N LYS B 30 -10.01 7.20 39.57
CA LYS B 30 -8.56 7.36 39.62
C LYS B 30 -7.78 6.05 39.53
N GLY B 31 -8.37 4.96 40.02
CA GLY B 31 -7.69 3.67 40.06
C GLY B 31 -7.39 3.07 38.69
N GLY B 32 -8.09 3.54 37.66
CA GLY B 32 -7.92 3.00 36.33
C GLY B 32 -6.64 3.46 35.65
N PHE B 33 -6.04 4.52 36.16
CA PHE B 33 -4.86 5.09 35.52
C PHE B 33 -3.59 4.26 35.72
N ALA B 34 -3.40 3.69 36.90
CA ALA B 34 -2.18 2.95 37.17
C ALA B 34 -1.88 1.84 36.17
N PRO B 35 -2.88 0.98 35.88
CA PRO B 35 -2.61 -0.07 34.90
C PRO B 35 -2.32 0.46 33.48
N MET B 36 -2.83 1.65 33.14
CA MET B 36 -2.47 2.28 31.87
C MET B 36 -1.00 2.67 31.88
N PHE B 37 -0.59 3.41 32.91
CA PHE B 37 0.80 3.83 33.04
C PHE B 37 1.77 2.64 33.08
N ASN B 38 1.35 1.55 33.69
CA ASN B 38 2.24 0.42 33.94
C ASN B 38 2.29 -0.59 32.80
N ASN B 39 1.52 -0.35 31.75
CA ASN B 39 1.41 -1.34 30.67
C ASN B 39 1.48 -0.82 29.24
N ILE B 40 1.86 0.43 29.06
CA ILE B 40 2.19 0.89 27.71
C ILE B 40 3.40 0.07 27.24
N GLN B 41 4.47 0.13 28.02
CA GLN B 41 5.44 -0.93 28.08
C GLN B 41 5.16 -1.69 29.37
N VAL B 42 5.00 -2.99 29.30
CA VAL B 42 4.68 -3.76 30.50
C VAL B 42 5.88 -3.75 31.44
N LEU B 43 5.73 -3.11 32.60
CA LEU B 43 6.87 -2.91 33.48
C LEU B 43 7.17 -4.14 34.32
N THR B 44 6.14 -4.94 34.58
CA THR B 44 6.33 -6.15 35.36
C THR B 44 5.26 -7.17 35.00
N PRO B 45 5.63 -8.46 34.99
CA PRO B 45 6.97 -9.01 35.21
C PRO B 45 7.86 -8.81 33.96
N GLU B 46 9.17 -8.90 34.15
CA GLU B 46 10.11 -8.63 33.07
C GLU B 46 9.95 -9.59 31.89
N TRP B 47 9.56 -10.83 32.18
CA TRP B 47 9.42 -11.80 31.11
C TRP B 47 8.28 -11.43 30.16
N VAL B 48 7.30 -10.68 30.66
CA VAL B 48 6.22 -10.20 29.78
C VAL B 48 6.72 -9.09 28.85
N TYR B 49 7.50 -8.14 29.36
CA TYR B 49 8.08 -7.13 28.49
C TYR B 49 8.92 -7.79 27.39
N GLN B 50 9.67 -8.84 27.76
CA GLN B 50 10.51 -9.51 26.79
C GLN B 50 9.70 -10.00 25.58
N LEU B 51 8.49 -10.46 25.83
CA LEU B 51 7.60 -10.90 24.76
C LEU B 51 6.80 -9.75 24.12
N GLN B 52 6.44 -8.74 24.93
CA GLN B 52 5.65 -7.62 24.41
C GLN B 52 6.44 -6.78 23.41
N GLN B 53 7.71 -6.55 23.70
CA GLN B 53 8.53 -5.68 22.86
C GLN B 53 9.97 -6.16 22.70
N GLY B 54 10.52 -6.83 23.72
CA GLY B 54 11.94 -7.16 23.73
C GLY B 54 12.38 -8.09 22.61
N LEU B 55 11.48 -8.96 22.16
CA LEU B 55 11.82 -9.92 21.11
C LEU B 55 11.13 -9.60 19.78
N ASN B 56 10.63 -8.37 19.67
CA ASN B 56 10.11 -7.89 18.38
C ASN B 56 10.73 -6.56 18.00
N SER B 57 10.03 -5.45 18.23
CA SER B 57 10.53 -4.16 17.76
C SER B 57 11.87 -3.71 18.36
N ASP B 58 12.21 -4.13 19.58
CA ASP B 58 13.49 -3.77 20.16
C ASP B 58 14.64 -4.30 19.30
N ILE B 59 14.38 -5.39 18.58
CA ILE B 59 15.37 -6.03 17.71
C ILE B 59 15.21 -5.59 16.25
N TRP B 60 13.98 -5.60 15.74
CA TRP B 60 13.75 -5.23 14.34
C TRP B 60 14.16 -3.78 14.07
N SER B 61 14.03 -2.91 15.08
CA SER B 61 14.44 -1.52 14.99
C SER B 61 15.94 -1.32 14.78
N GLY B 62 16.74 -2.36 15.06
CA GLY B 62 18.18 -2.22 15.02
C GLY B 62 18.81 -1.76 16.33
N TYR B 63 18.00 -1.62 17.38
CA TYR B 63 18.52 -1.16 18.68
C TYR B 63 19.27 -2.24 19.47
N MET B 64 18.75 -3.47 19.45
CA MET B 64 19.24 -4.54 20.34
C MET B 64 19.21 -5.86 19.59
N ALA B 65 19.97 -6.84 20.10
CA ALA B 65 19.98 -8.17 19.49
C ALA B 65 20.18 -9.24 20.55
N THR B 66 19.60 -10.41 20.33
CA THR B 66 19.73 -11.49 21.30
C THR B 66 20.89 -12.42 20.97
N PRO B 67 21.61 -12.89 22.00
CA PRO B 67 22.64 -13.91 21.79
C PRO B 67 22.08 -15.32 21.91
N THR B 68 20.79 -15.44 22.22
CA THR B 68 20.16 -16.71 22.56
C THR B 68 19.44 -17.30 21.36
N GLY B 69 19.68 -18.58 21.10
CA GLY B 69 19.04 -19.26 19.98
C GLY B 69 17.69 -19.85 20.32
N PHE B 70 16.74 -18.99 20.72
CA PHE B 70 15.42 -19.45 21.12
C PHE B 70 14.80 -20.30 20.02
N GLU B 71 14.18 -21.42 20.41
CA GLU B 71 13.48 -22.29 19.47
C GLU B 71 14.37 -22.68 18.29
N SER B 72 15.59 -23.12 18.60
CA SER B 72 16.54 -23.57 17.58
C SER B 72 16.90 -22.48 16.57
N GLY B 73 16.74 -21.22 16.97
CA GLY B 73 17.09 -20.11 16.10
C GLY B 73 16.05 -19.76 15.05
N VAL B 74 14.87 -20.38 15.14
CA VAL B 74 13.76 -20.13 14.24
C VAL B 74 12.72 -19.34 15.02
N ASN B 75 12.75 -18.02 14.88
CA ASN B 75 11.97 -17.17 15.76
C ASN B 75 11.79 -15.78 15.16
N ASN B 76 11.24 -14.84 15.93
CA ASN B 76 11.02 -13.48 15.42
C ASN B 76 12.26 -12.86 14.78
N THR B 77 13.45 -13.15 15.31
CA THR B 77 14.67 -12.52 14.82
C THR B 77 15.09 -13.04 13.44
N THR B 78 14.62 -14.25 13.10
CA THR B 78 14.89 -14.83 11.78
C THR B 78 13.61 -14.88 10.95
N TYR B 79 12.65 -14.03 11.34
CA TYR B 79 11.44 -13.77 10.56
C TYR B 79 10.46 -14.95 10.49
N ALA B 80 10.59 -15.88 11.44
CA ALA B 80 9.55 -16.86 11.69
C ALA B 80 8.75 -16.34 12.88
N LEU B 81 7.68 -15.60 12.60
CA LEU B 81 6.93 -14.96 13.68
C LEU B 81 6.31 -16.02 14.59
N LEU B 82 6.50 -15.86 15.89
CA LEU B 82 6.05 -16.87 16.85
C LEU B 82 4.79 -16.40 17.55
N ASP B 83 3.66 -17.05 17.22
CA ASP B 83 2.38 -16.65 17.77
C ASP B 83 2.33 -16.77 19.30
N ASN B 84 3.07 -17.73 19.85
CA ASN B 84 3.11 -17.91 21.31
CA ASN B 84 3.10 -17.91 21.31
C ASN B 84 3.77 -16.73 22.01
N TRP B 85 4.64 -16.02 21.29
CA TRP B 85 5.30 -14.83 21.85
C TRP B 85 4.45 -13.57 21.63
N ASN B 86 3.97 -13.42 20.40
CA ASN B 86 3.42 -12.14 19.96
C ASN B 86 2.02 -11.83 20.46
N GLY B 87 1.29 -12.85 20.90
CA GLY B 87 -0.03 -12.64 21.46
C GLY B 87 -0.02 -11.78 22.71
N PHE B 88 1.10 -11.78 23.43
CA PHE B 88 1.23 -10.98 24.65
C PHE B 88 1.06 -9.49 24.38
N ILE B 89 1.46 -9.04 23.20
CA ILE B 89 1.34 -7.63 22.85
C ILE B 89 -0.13 -7.20 22.91
N TRP B 90 -0.96 -7.96 22.21
CA TRP B 90 -2.39 -7.69 22.15
C TRP B 90 -3.05 -7.86 23.52
N ASP B 91 -2.77 -8.98 24.17
CA ASP B 91 -3.51 -9.32 25.39
C ASP B 91 -3.22 -8.34 26.54
N TYR B 92 -1.96 -7.97 26.73
CA TYR B 92 -1.62 -7.01 27.79
C TYR B 92 -2.10 -5.59 27.48
N GLY B 93 -2.02 -5.19 26.21
CA GLY B 93 -2.50 -3.87 25.83
C GLY B 93 -4.00 -3.73 25.98
N TYR B 94 -4.76 -4.72 25.51
CA TYR B 94 -6.20 -4.63 25.64
C TYR B 94 -6.71 -4.75 27.09
N LYS B 95 -6.08 -5.63 27.86
CA LYS B 95 -6.52 -5.88 29.23
C LYS B 95 -6.25 -4.66 30.11
N ASN B 96 -5.13 -3.99 29.86
CA ASN B 96 -4.65 -2.96 30.78
C ASN B 96 -4.74 -1.53 30.29
N VAL B 97 -4.51 -1.32 28.99
CA VAL B 97 -4.63 0.03 28.45
C VAL B 97 -6.04 0.28 27.94
N MET B 98 -6.48 -0.50 26.96
CA MET B 98 -7.79 -0.25 26.34
C MET B 98 -8.93 -0.38 27.33
N PHE B 99 -8.94 -1.44 28.13
CA PHE B 99 -10.05 -1.64 29.05
C PHE B 99 -10.22 -0.46 30.00
N ASN B 100 -9.10 0.02 30.56
CA ASN B 100 -9.18 1.12 31.49
C ASN B 100 -9.52 2.45 30.82
N ALA B 101 -9.08 2.63 29.57
CA ALA B 101 -9.52 3.80 28.82
C ALA B 101 -11.04 3.80 28.69
N TYR B 102 -11.58 2.65 28.34
CA TYR B 102 -13.02 2.45 28.17
C TYR B 102 -13.77 2.68 29.49
N ASP B 103 -13.27 2.06 30.56
CA ASP B 103 -13.89 2.12 31.88
C ASP B 103 -13.86 3.55 32.41
N ILE B 104 -12.71 4.21 32.30
CA ILE B 104 -12.59 5.61 32.73
C ILE B 104 -13.54 6.53 31.95
N ALA B 105 -13.62 6.31 30.64
CA ALA B 105 -14.52 7.11 29.81
C ALA B 105 -15.98 6.93 30.24
N ASN B 106 -16.38 5.69 30.46
CA ASN B 106 -17.74 5.39 30.88
C ASN B 106 -18.08 6.11 32.20
N LYS B 107 -17.12 6.15 33.11
CA LYS B 107 -17.34 6.76 34.42
C LYS B 107 -17.21 8.30 34.42
N SER B 108 -16.47 8.85 33.47
CA SER B 108 -16.09 10.25 33.56
C SER B 108 -16.59 11.17 32.45
N LYS B 109 -16.85 10.62 31.26
CA LYS B 109 -17.27 11.46 30.15
C LYS B 109 -18.56 12.20 30.48
N GLY B 110 -18.52 13.52 30.36
CA GLY B 110 -19.68 14.35 30.66
C GLY B 110 -19.89 14.60 32.14
N LYS B 111 -19.00 14.07 32.98
CA LYS B 111 -19.11 14.22 34.42
C LYS B 111 -17.84 14.84 35.01
N TYR B 112 -16.71 14.17 34.79
CA TYR B 112 -15.40 14.66 35.20
C TYR B 112 -14.49 14.66 33.98
N ASP B 113 -14.68 15.64 33.11
CA ASP B 113 -14.05 15.61 31.79
C ASP B 113 -12.54 15.81 31.80
N GLN B 114 -11.99 16.30 32.91
CA GLN B 114 -10.54 16.39 33.00
C GLN B 114 -9.92 14.98 33.01
N PHE B 115 -10.53 14.06 33.74
CA PHE B 115 -10.07 12.68 33.75
C PHE B 115 -10.36 11.98 32.43
N TYR B 116 -11.49 12.31 31.81
CA TYR B 116 -11.77 11.76 30.48
C TYR B 116 -10.69 12.19 29.49
N ALA B 117 -10.38 13.49 29.48
CA ALA B 117 -9.34 14.01 28.60
C ALA B 117 -7.99 13.32 28.79
N LEU B 118 -7.58 13.18 30.04
CA LEU B 118 -6.30 12.54 30.35
C LEU B 118 -6.30 11.08 29.93
N SER B 119 -7.43 10.41 30.11
CA SER B 119 -7.55 9.01 29.68
C SER B 119 -7.43 8.87 28.16
N LEU B 120 -7.92 9.86 27.42
CA LEU B 120 -7.83 9.83 25.96
C LEU B 120 -6.38 9.97 25.50
N ILE B 121 -5.60 10.82 26.16
CA ILE B 121 -4.21 11.02 25.79
C ILE B 121 -3.43 9.72 26.04
N LEU B 122 -3.63 9.11 27.20
CA LEU B 122 -3.00 7.83 27.51
C LEU B 122 -3.47 6.72 26.57
N LYS B 123 -4.76 6.72 26.23
CA LYS B 123 -5.32 5.74 25.31
C LYS B 123 -4.61 5.80 23.96
N VAL B 124 -4.47 7.00 23.40
CA VAL B 124 -3.79 7.13 22.12
C VAL B 124 -2.31 6.77 22.24
N GLU B 125 -1.66 7.14 23.34
CA GLU B 125 -0.26 6.78 23.52
C GLU B 125 -0.08 5.25 23.49
N GLY B 126 -0.96 4.52 24.17
CA GLY B 126 -0.84 3.07 24.18
C GLY B 126 -1.35 2.42 22.91
N MET B 127 -2.47 2.90 22.39
CA MET B 127 -3.11 2.21 21.28
C MET B 127 -2.56 2.54 19.89
N HIS B 128 -1.87 3.68 19.71
CA HIS B 128 -1.24 3.88 18.40
C HIS B 128 -0.17 2.83 18.17
N ARG B 129 0.49 2.40 19.25
CA ARG B 129 1.50 1.36 19.16
C ARG B 129 0.83 0.06 18.68
N MET B 130 -0.35 -0.23 19.21
CA MET B 130 -1.10 -1.43 18.83
C MET B 130 -1.42 -1.44 17.34
N THR B 131 -2.02 -0.37 16.84
CA THR B 131 -2.33 -0.35 15.40
C THR B 131 -1.06 -0.32 14.54
N ASP B 132 -0.02 0.35 15.01
CA ASP B 132 1.23 0.38 14.25
C ASP B 132 1.86 -1.01 14.16
N THR B 133 1.51 -1.91 15.07
CA THR B 133 2.02 -3.27 15.06
C THR B 133 1.19 -4.22 14.20
N PHE B 134 -0.14 -4.13 14.31
CA PHE B 134 -1.05 -5.09 13.67
C PHE B 134 -1.76 -4.59 12.42
N GLY B 135 -1.95 -3.27 12.31
CA GLY B 135 -2.77 -2.71 11.26
C GLY B 135 -4.19 -2.49 11.78
N PRO B 136 -5.18 -3.17 11.18
CA PRO B 136 -6.53 -3.13 11.77
C PRO B 136 -6.48 -3.59 13.23
N ILE B 137 -7.26 -2.94 14.08
CA ILE B 137 -7.36 -3.34 15.49
C ILE B 137 -8.77 -3.08 15.99
N ILE B 138 -9.11 -3.65 17.14
CA ILE B 138 -10.36 -3.31 17.80
C ILE B 138 -10.24 -1.91 18.39
N TYR B 139 -11.17 -1.02 18.06
CA TYR B 139 -11.10 0.32 18.61
C TYR B 139 -12.51 0.84 18.88
N SER B 140 -13.24 1.21 17.84
CA SER B 140 -14.59 1.76 18.03
C SER B 140 -15.56 0.77 18.69
N LYS B 141 -15.37 -0.52 18.44
CA LYS B 141 -16.30 -1.54 18.91
C LYS B 141 -15.88 -2.19 20.22
N PHE B 142 -14.82 -1.71 20.85
CA PHE B 142 -14.37 -2.29 22.11
C PHE B 142 -15.49 -2.29 23.14
N GLY B 143 -15.63 -3.42 23.85
CA GLY B 143 -16.63 -3.55 24.90
C GLY B 143 -17.96 -4.11 24.41
N SER B 144 -18.05 -4.34 23.11
CA SER B 144 -19.29 -4.84 22.51
C SER B 144 -19.66 -6.21 23.09
N ASN B 145 -20.96 -6.47 23.20
CA ASN B 145 -21.44 -7.75 23.68
C ASN B 145 -21.74 -8.73 22.54
N ASP B 146 -21.58 -8.25 21.30
CA ASP B 146 -21.79 -9.09 20.13
C ASP B 146 -20.79 -10.24 20.09
N ALA B 147 -21.19 -11.36 19.48
CA ALA B 147 -20.31 -12.50 19.31
C ALA B 147 -19.09 -12.09 18.49
N THR B 148 -19.31 -11.23 17.51
CA THR B 148 -18.24 -10.64 16.73
C THR B 148 -17.92 -9.23 17.26
N ILE B 149 -16.70 -9.03 17.73
CA ILE B 149 -16.22 -7.69 18.03
C ILE B 149 -15.36 -7.24 16.86
N ALA B 150 -15.93 -6.37 16.03
CA ALA B 150 -15.32 -6.01 14.76
C ALA B 150 -14.08 -5.15 14.94
N TYR B 151 -13.15 -5.31 14.00
CA TYR B 151 -11.96 -4.47 13.94
C TYR B 151 -12.25 -3.25 13.08
N ASP B 152 -11.58 -2.14 13.41
CA ASP B 152 -11.58 -0.96 12.55
C ASP B 152 -10.41 -1.04 11.58
N SER B 153 -10.52 -0.39 10.43
CA SER B 153 -9.36 -0.24 9.57
C SER B 153 -8.36 0.70 10.22
N GLN B 154 -7.10 0.59 9.85
CA GLN B 154 -6.11 1.49 10.40
C GLN B 154 -6.37 2.94 10.01
N GLU B 155 -6.84 3.15 8.78
CA GLU B 155 -7.21 4.50 8.32
C GLU B 155 -8.26 5.12 9.25
N GLU B 156 -9.26 4.32 9.62
CA GLU B 156 -10.30 4.76 10.56
C GLU B 156 -9.75 5.05 11.96
N VAL B 157 -8.87 4.17 12.45
CA VAL B 157 -8.28 4.36 13.76
C VAL B 157 -7.48 5.67 13.85
N TYR B 158 -6.66 5.95 12.83
CA TYR B 158 -5.90 7.20 12.82
C TYR B 158 -6.81 8.44 12.87
N THR B 159 -7.90 8.44 12.10
CA THR B 159 -8.85 9.55 12.16
C THR B 159 -9.43 9.69 13.58
N GLN B 160 -9.80 8.57 14.19
CA GLN B 160 -10.37 8.64 15.53
CA GLN B 160 -10.36 8.59 15.54
C GLN B 160 -9.35 9.13 16.57
N MET B 161 -8.11 8.69 16.46
CA MET B 161 -7.08 9.13 17.38
C MET B 161 -6.83 10.64 17.30
N PHE B 162 -6.80 11.19 16.08
CA PHE B 162 -6.63 12.63 15.94
C PHE B 162 -7.82 13.36 16.58
N ALA B 163 -9.02 12.81 16.44
CA ALA B 163 -10.21 13.44 17.01
C ALA B 163 -10.19 13.34 18.53
N GLU B 164 -9.71 12.22 19.05
CA GLU B 164 -9.60 12.06 20.50
C GLU B 164 -8.60 13.07 21.08
N LEU B 165 -7.48 13.26 20.40
CA LEU B 165 -6.53 14.28 20.84
C LEU B 165 -7.15 15.69 20.75
N ASP B 166 -7.97 15.95 19.72
CA ASP B 166 -8.68 17.23 19.63
C ASP B 166 -9.54 17.46 20.88
N THR B 167 -10.32 16.45 21.24
CA THR B 167 -11.20 16.53 22.40
C THR B 167 -10.40 16.78 23.68
N ALA B 168 -9.33 16.02 23.88
CA ALA B 168 -8.54 16.14 25.10
C ALA B 168 -7.85 17.49 25.22
N VAL B 169 -7.24 17.94 24.14
CA VAL B 169 -6.53 19.21 24.13
C VAL B 169 -7.49 20.38 24.39
N ALA B 170 -8.66 20.37 23.76
CA ALA B 170 -9.64 21.44 23.97
C ALA B 170 -10.10 21.48 25.43
N GLU B 171 -10.37 20.31 26.00
CA GLU B 171 -10.88 20.25 27.37
C GLU B 171 -9.87 20.78 28.38
N LEU B 172 -8.64 20.29 28.30
CA LEU B 172 -7.61 20.70 29.24
C LEU B 172 -7.21 22.16 29.04
N THR B 173 -7.14 22.61 27.79
CA THR B 173 -6.80 24.01 27.52
C THR B 173 -7.85 24.94 28.13
N LYS B 174 -9.12 24.54 28.06
CA LYS B 174 -10.20 25.31 28.67
C LYS B 174 -9.95 25.48 30.17
N ARG B 175 -9.57 24.40 30.84
CA ARG B 175 -9.33 24.43 32.27
C ARG B 175 -8.07 25.22 32.63
N ILE B 176 -7.02 25.10 31.83
CA ILE B 176 -5.80 25.87 32.04
C ILE B 176 -6.10 27.36 31.90
N ASP B 177 -6.85 27.72 30.85
CA ASP B 177 -7.17 29.12 30.59
C ASP B 177 -7.96 29.72 31.75
N ALA B 178 -8.79 28.88 32.39
CA ALA B 178 -9.63 29.33 33.50
C ALA B 178 -8.88 29.38 34.84
N GLY B 179 -7.65 28.88 34.86
CA GLY B 179 -6.87 28.85 36.08
C GLY B 179 -7.33 27.78 37.05
N GLU B 180 -7.93 26.72 36.52
CA GLU B 180 -8.44 25.64 37.36
C GLU B 180 -7.30 24.78 37.92
N ALA B 181 -7.26 24.62 39.23
CA ALA B 181 -6.24 23.80 39.87
C ALA B 181 -6.37 22.35 39.41
N SER B 182 -5.24 21.71 39.16
CA SER B 182 -5.23 20.30 38.77
C SER B 182 -5.72 19.42 39.90
N THR B 183 -6.42 18.36 39.55
CA THR B 183 -6.82 17.34 40.51
C THR B 183 -6.22 16.00 40.12
N PHE B 184 -5.06 16.04 39.47
CA PHE B 184 -4.45 14.82 38.92
C PHE B 184 -3.08 14.48 39.52
N GLU B 185 -2.50 15.38 40.32
CA GLU B 185 -1.13 15.14 40.78
C GLU B 185 -0.94 13.80 41.52
N SER B 186 -1.87 13.48 42.42
CA SER B 186 -1.75 12.26 43.20
C SER B 186 -1.88 10.98 42.35
N THR B 187 -2.45 11.13 41.17
CA THR B 187 -2.68 9.99 40.28
C THR B 187 -1.63 9.88 39.17
N ASP B 188 -1.05 11.02 38.82
CA ASP B 188 -0.07 11.09 37.74
C ASP B 188 1.18 10.27 38.10
N MET B 189 1.72 9.56 37.11
CA MET B 189 2.93 8.76 37.30
CA MET B 189 2.94 8.77 37.30
C MET B 189 3.96 9.10 36.23
N THR B 190 4.05 10.37 35.88
CA THR B 190 4.96 10.82 34.85
C THR B 190 5.85 11.92 35.42
N GLY B 191 6.56 12.63 34.55
CA GLY B 191 7.32 13.78 34.99
C GLY B 191 6.47 15.03 35.18
N TYR B 192 5.17 14.94 34.90
CA TYR B 192 4.33 16.14 34.83
C TYR B 192 3.67 16.54 36.15
N LYS B 193 3.58 15.61 37.10
CA LYS B 193 3.02 15.92 38.43
C LYS B 193 1.66 16.62 38.36
N GLY B 194 0.78 16.15 37.48
CA GLY B 194 -0.57 16.65 37.38
C GLY B 194 -0.75 17.89 36.53
N LYS B 195 0.34 18.45 36.00
CA LYS B 195 0.27 19.72 35.28
C LYS B 195 -0.42 19.56 33.91
N TYR B 196 -1.64 20.09 33.79
CA TYR B 196 -2.41 19.95 32.56
C TYR B 196 -1.68 20.49 31.33
N GLU B 197 -1.00 21.61 31.50
CA GLU B 197 -0.29 22.23 30.38
C GLU B 197 0.76 21.26 29.80
N SER B 198 1.42 20.50 30.66
CA SER B 198 2.42 19.55 30.20
C SER B 198 1.78 18.37 29.47
N TRP B 199 0.61 17.96 29.95
CA TRP B 199 -0.16 16.92 29.28
C TRP B 199 -0.64 17.35 27.90
N VAL B 200 -1.07 18.60 27.78
CA VAL B 200 -1.46 19.13 26.48
C VAL B 200 -0.26 19.18 25.53
N ARG B 201 0.88 19.65 26.04
CA ARG B 201 2.09 19.72 25.23
C ARG B 201 2.50 18.32 24.74
N PHE B 202 2.35 17.31 25.61
CA PHE B 202 2.59 15.93 25.20
C PHE B 202 1.59 15.53 24.11
N ALA B 203 0.30 15.79 24.33
CA ALA B 203 -0.72 15.45 23.33
C ALA B 203 -0.43 16.09 21.97
N ASN B 204 0.03 17.34 21.98
CA ASN B 204 0.37 18.02 20.73
C ASN B 204 1.53 17.31 20.03
N THR B 205 2.51 16.89 20.81
CA THR B 205 3.69 16.22 20.25
C THR B 205 3.33 14.83 19.72
N LEU B 206 2.45 14.13 20.43
CA LEU B 206 1.91 12.86 19.97
C LEU B 206 1.13 13.05 18.67
N ARG B 207 0.36 14.13 18.55
CA ARG B 207 -0.32 14.41 17.29
C ARG B 207 0.70 14.56 16.16
N LEU B 208 1.77 15.28 16.42
CA LEU B 208 2.82 15.50 15.42
C LEU B 208 3.47 14.17 14.99
N ARG B 209 3.71 13.27 15.94
CA ARG B 209 4.22 11.95 15.61
C ARG B 209 3.27 11.20 14.67
N LEU B 210 1.99 11.20 15.03
CA LEU B 210 1.00 10.48 14.24
C LEU B 210 0.82 11.11 12.86
N ALA B 211 0.91 12.43 12.80
CA ALA B 211 0.83 13.15 11.53
C ALA B 211 1.97 12.73 10.61
N MET B 212 3.19 12.71 11.11
CA MET B 212 4.31 12.37 10.24
C MET B 212 4.24 10.90 9.79
N ARG B 213 3.69 10.04 10.66
CA ARG B 213 3.54 8.63 10.32
C ARG B 213 2.78 8.44 9.02
N ILE B 214 1.78 9.28 8.77
CA ILE B 214 0.87 9.07 7.65
C ILE B 214 1.23 9.90 6.41
N VAL B 215 2.42 10.49 6.39
CA VAL B 215 2.74 11.42 5.31
C VAL B 215 2.84 10.79 3.92
N LYS B 216 3.13 9.49 3.83
CA LYS B 216 3.18 8.84 2.51
C LYS B 216 1.80 8.47 1.99
N VAL B 217 0.87 8.16 2.88
CA VAL B 217 -0.46 7.72 2.45
C VAL B 217 -1.46 8.88 2.39
N LYS B 218 -1.35 9.84 3.31
CA LYS B 218 -2.25 10.99 3.34
C LYS B 218 -1.45 12.26 3.65
N PRO B 219 -0.63 12.73 2.72
CA PRO B 219 0.19 13.92 2.98
C PRO B 219 -0.64 15.17 3.33
N ALA B 220 -1.86 15.29 2.81
CA ALA B 220 -2.65 16.48 3.14
C ALA B 220 -3.08 16.47 4.62
N LEU B 221 -3.55 15.31 5.10
CA LEU B 221 -3.92 15.18 6.51
C LEU B 221 -2.69 15.29 7.41
N ALA B 222 -1.58 14.70 6.98
CA ALA B 222 -0.31 14.81 7.70
C ALA B 222 0.05 16.27 7.94
N LYS B 223 -0.02 17.07 6.88
CA LYS B 223 0.32 18.49 6.98
C LYS B 223 -0.64 19.22 7.93
N THR B 224 -1.93 18.97 7.76
CA THR B 224 -2.93 19.61 8.61
C THR B 224 -2.71 19.30 10.09
N GLU B 225 -2.54 18.03 10.41
CA GLU B 225 -2.42 17.64 11.80
C GLU B 225 -1.06 18.06 12.38
N ALA B 226 0.00 18.00 11.56
CA ALA B 226 1.32 18.41 12.04
C ALA B 226 1.34 19.91 12.35
N GLU B 227 0.78 20.71 11.44
CA GLU B 227 0.75 22.15 11.64
C GLU B 227 -0.12 22.55 12.82
N LYS B 228 -1.23 21.83 13.02
CA LYS B 228 -2.08 22.04 14.20
C LYS B 228 -1.31 21.82 15.49
N ALA B 229 -0.53 20.73 15.53
CA ALA B 229 0.26 20.40 16.71
C ALA B 229 1.20 21.53 17.10
N VAL B 230 1.91 22.06 16.11
CA VAL B 230 2.92 23.06 16.35
C VAL B 230 2.31 24.42 16.72
N ALA B 231 1.14 24.71 16.15
CA ALA B 231 0.47 26.01 16.33
C ALA B 231 -0.43 26.08 17.56
N GLN B 232 -0.71 24.94 18.17
CA GLN B 232 -1.56 24.92 19.37
C GLN B 232 -0.93 25.83 20.43
N LYS B 233 -1.77 26.46 21.24
CA LYS B 233 -1.35 27.43 22.26
C LYS B 233 -0.05 27.07 23.00
N PHE B 234 0.05 25.82 23.44
CA PHE B 234 1.18 25.38 24.25
C PHE B 234 2.25 24.67 23.44
N GLY B 235 1.96 24.42 22.17
CA GLY B 235 2.92 23.86 21.24
C GLY B 235 3.42 22.47 21.60
N VAL B 236 4.53 22.10 20.99
CA VAL B 236 5.13 20.78 21.24
C VAL B 236 6.33 20.86 22.19
N MET B 237 6.90 19.72 22.54
CA MET B 237 8.02 19.70 23.50
C MET B 237 9.18 20.57 23.02
N LEU B 238 9.77 21.32 23.95
CA LEU B 238 10.93 22.17 23.65
C LEU B 238 12.14 21.87 24.54
N VAL B 239 11.88 21.46 25.77
CA VAL B 239 12.97 21.18 26.71
C VAL B 239 12.79 19.80 27.30
N ASN B 240 13.85 19.27 27.88
CA ASN B 240 13.83 17.89 28.31
C ASN B 240 12.82 17.58 29.42
N ASP B 241 12.49 18.58 30.23
CA ASP B 241 11.45 18.41 31.25
C ASP B 241 10.07 18.18 30.62
N ASP B 242 9.94 18.51 29.34
CA ASP B 242 8.69 18.29 28.61
C ASP B 242 8.49 16.83 28.18
N SER B 243 9.55 16.03 28.29
CA SER B 243 9.51 14.65 27.81
C SER B 243 8.45 13.82 28.53
N PHE B 244 7.89 12.84 27.81
CA PHE B 244 6.92 11.93 28.38
C PHE B 244 7.62 10.69 28.90
N LYS B 245 7.52 10.45 30.20
CA LYS B 245 8.15 9.29 30.82
C LYS B 245 7.25 8.74 31.90
N ILE B 246 7.36 7.44 32.15
CA ILE B 246 6.72 6.83 33.30
C ILE B 246 7.72 6.86 34.45
N VAL B 247 7.30 7.44 35.58
CA VAL B 247 8.10 7.42 36.80
C VAL B 247 7.46 6.42 37.75
N SER B 248 8.04 5.22 37.84
CA SER B 248 7.48 4.19 38.70
C SER B 248 8.06 4.29 40.11
N PRO B 249 7.22 4.18 41.13
CA PRO B 249 7.76 4.16 42.50
C PRO B 249 8.54 2.89 42.79
N VAL B 250 8.28 1.81 42.05
CA VAL B 250 8.80 0.50 42.43
C VAL B 250 9.46 -0.35 41.33
N TYR B 251 9.12 -0.09 40.06
CA TYR B 251 9.61 -0.95 38.97
C TYR B 251 10.74 -0.31 38.20
N THR B 252 11.78 -1.10 37.97
CA THR B 252 12.86 -0.72 37.08
C THR B 252 12.46 -1.04 35.65
N ASN B 253 13.00 -0.30 34.69
CA ASN B 253 12.84 -0.68 33.30
C ASN B 253 13.19 -2.16 33.14
N PRO B 254 12.25 -2.98 32.60
CA PRO B 254 12.45 -4.43 32.53
C PRO B 254 13.70 -4.85 31.76
N ILE B 255 14.17 -4.02 30.84
CA ILE B 255 15.36 -4.35 30.07
C ILE B 255 16.58 -4.53 30.96
N ALA B 256 16.62 -3.86 32.11
CA ALA B 256 17.76 -4.03 33.01
C ALA B 256 17.96 -5.49 33.42
N THR B 257 16.85 -6.16 33.74
CA THR B 257 16.89 -7.58 34.11
C THR B 257 17.17 -8.48 32.91
N ILE B 258 16.47 -8.23 31.80
CA ILE B 258 16.62 -9.05 30.60
C ILE B 258 18.07 -9.02 30.11
N SER B 259 18.70 -7.85 30.21
CA SER B 259 20.10 -7.70 29.84
C SER B 259 21.08 -8.17 30.92
N SER B 260 21.16 -7.43 32.03
CA SER B 260 22.20 -7.70 33.03
C SER B 260 22.05 -9.02 33.77
N SER B 261 20.82 -9.42 34.07
CA SER B 261 20.61 -10.66 34.83
CA SER B 261 20.61 -10.64 34.83
C SER B 261 20.54 -11.88 33.93
N TRP B 262 19.77 -11.81 32.85
CA TRP B 262 19.56 -12.98 31.99
C TRP B 262 20.51 -13.11 30.81
N LEU B 263 21.17 -12.02 30.46
CA LEU B 263 22.02 -11.96 29.27
C LEU B 263 21.26 -12.35 27.99
N ASP B 264 19.97 -12.03 27.94
CA ASP B 264 19.13 -12.43 26.80
C ASP B 264 19.02 -11.35 25.75
N ILE B 265 19.60 -10.18 26.01
CA ILE B 265 19.62 -9.10 25.02
C ILE B 265 20.93 -8.34 25.18
N ARG B 266 21.47 -7.87 24.06
CA ARG B 266 22.77 -7.20 24.00
C ARG B 266 22.68 -5.99 23.07
N MET B 267 23.71 -5.16 23.09
CA MET B 267 23.92 -4.15 22.07
C MET B 267 23.85 -4.80 20.68
N SER B 268 23.25 -4.09 19.72
CA SER B 268 23.16 -4.60 18.36
C SER B 268 24.35 -4.22 17.48
N ALA B 269 24.51 -4.95 16.38
CA ALA B 269 25.52 -4.61 15.38
C ALA B 269 25.26 -3.25 14.72
N ASP B 270 23.99 -2.93 14.45
CA ASP B 270 23.69 -1.61 13.92
C ASP B 270 24.11 -0.49 14.85
N MET B 271 23.83 -0.66 16.15
CA MET B 271 24.23 0.35 17.13
C MET B 271 25.74 0.47 17.20
N GLU B 272 26.44 -0.66 17.14
CA GLU B 272 27.89 -0.58 17.13
C GLU B 272 28.39 0.18 15.90
N SER B 273 27.88 -0.18 14.73
CA SER B 273 28.32 0.44 13.49
C SER B 273 28.09 1.96 13.52
N ILE B 274 26.88 2.36 13.88
CA ILE B 274 26.50 3.76 13.80
C ILE B 274 27.11 4.59 14.93
N MET B 275 27.00 4.12 16.16
CA MET B 275 27.52 4.91 17.28
C MET B 275 29.06 4.90 17.39
N LYS B 276 29.70 3.78 17.10
CA LYS B 276 31.18 3.80 17.03
C LYS B 276 31.66 4.64 15.86
N GLY B 277 30.98 4.56 14.72
CA GLY B 277 31.35 5.34 13.56
C GLY B 277 31.41 6.83 13.86
N TYR B 278 30.41 7.31 14.60
CA TYR B 278 30.32 8.73 14.95
C TYR B 278 31.09 9.07 16.21
N GLN B 279 31.71 8.06 16.83
CA GLN B 279 32.35 8.23 18.14
C GLN B 279 31.41 8.98 19.08
N ASP B 280 30.18 8.49 19.14
CA ASP B 280 29.09 9.17 19.83
C ASP B 280 29.20 8.97 21.34
N PRO B 281 29.34 10.08 22.10
CA PRO B 281 29.51 9.91 23.55
C PRO B 281 28.29 9.35 24.28
N ARG B 282 27.14 9.30 23.63
CA ARG B 282 25.96 8.69 24.23
C ARG B 282 26.11 7.18 24.36
N ILE B 283 27.10 6.62 23.66
CA ILE B 283 27.33 5.18 23.70
C ILE B 283 27.55 4.67 25.13
N ALA B 284 28.13 5.52 25.98
CA ALA B 284 28.52 5.12 27.32
C ALA B 284 27.33 4.93 28.24
N SER B 285 26.28 5.70 28.03
CA SER B 285 25.09 5.49 28.84
C SER B 285 24.14 4.47 28.23
N TYR B 286 24.25 4.27 26.91
CA TYR B 286 23.37 3.33 26.22
C TYR B 286 23.77 1.87 26.44
N PHE B 287 25.08 1.65 26.54
CA PHE B 287 25.64 0.30 26.57
C PHE B 287 26.77 0.20 27.58
N ASP B 288 27.06 -1.03 28.00
CA ASP B 288 28.21 -1.32 28.86
C ASP B 288 29.32 -1.90 28.02
N THR B 289 30.58 -1.70 28.44
CA THR B 289 31.68 -2.35 27.74
C THR B 289 31.56 -3.87 27.91
N SER B 290 32.07 -4.60 26.92
CA SER B 290 31.92 -6.04 26.83
C SER B 290 32.81 -6.81 27.82
N LYS B 291 32.26 -7.88 28.39
CA LYS B 291 33.05 -8.79 29.22
C LYS B 291 34.08 -9.56 28.39
N GLN B 292 33.66 -10.04 27.23
CA GLN B 292 34.51 -10.85 26.36
C GLN B 292 35.63 -10.03 25.74
N PHE B 293 35.33 -8.76 25.48
CA PHE B 293 36.28 -7.85 24.85
C PHE B 293 36.43 -6.64 25.74
N PRO B 294 37.28 -6.76 26.78
CA PRO B 294 37.37 -5.75 27.84
C PRO B 294 37.54 -4.34 27.33
N ASN B 295 36.72 -3.43 27.86
CA ASN B 295 36.81 -2.00 27.58
C ASN B 295 36.36 -1.61 26.17
N GLU B 296 35.72 -2.55 25.48
CA GLU B 296 35.23 -2.26 24.13
C GLU B 296 33.73 -2.43 24.06
N TYR B 297 33.11 -1.63 23.19
CA TYR B 297 31.70 -1.76 22.87
C TYR B 297 31.52 -2.68 21.68
N LYS B 298 30.87 -3.82 21.90
CA LYS B 298 30.68 -4.81 20.85
C LYS B 298 29.24 -5.25 20.77
N GLY B 299 28.67 -5.15 19.57
CA GLY B 299 27.29 -5.52 19.35
C GLY B 299 27.12 -6.84 18.64
N VAL B 300 25.90 -7.38 18.71
CA VAL B 300 25.56 -8.67 18.15
C VAL B 300 24.69 -8.48 16.91
N ARG B 301 24.97 -9.25 15.86
CA ARG B 301 24.20 -9.20 14.63
C ARG B 301 22.87 -9.91 14.82
N THR B 302 21.81 -9.35 14.26
CA THR B 302 20.50 -10.00 14.32
C THR B 302 20.19 -10.79 13.05
N GLY B 303 19.43 -11.87 13.21
CA GLY B 303 19.06 -12.73 12.10
C GLY B 303 20.21 -13.64 11.69
N ILE B 304 20.81 -14.31 12.69
CA ILE B 304 21.99 -15.13 12.44
C ILE B 304 21.79 -16.56 12.91
N ALA B 305 22.74 -17.43 12.53
CA ALA B 305 22.81 -18.76 13.10
C ALA B 305 23.49 -18.66 14.47
N ILE B 306 22.94 -19.33 15.46
CA ILE B 306 23.54 -19.32 16.80
C ILE B 306 23.88 -20.75 17.24
N SER B 307 25.16 -21.02 17.42
CA SER B 307 25.62 -22.34 17.84
C SER B 307 25.37 -22.54 19.33
N GLY B 308 25.76 -21.55 20.12
CA GLY B 308 25.51 -21.56 21.55
C GLY B 308 25.40 -20.15 22.10
N LYS B 309 24.60 -19.98 23.13
CA LYS B 309 24.41 -18.67 23.74
C LYS B 309 25.73 -18.05 24.19
N SER B 310 26.66 -18.88 24.66
CA SER B 310 27.93 -18.38 25.16
C SER B 310 28.74 -17.67 24.08
N ASP B 311 28.41 -17.92 22.82
CA ASP B 311 29.14 -17.33 21.71
C ASP B 311 28.98 -15.81 21.64
N HIS B 312 27.86 -15.29 22.13
CA HIS B 312 27.63 -13.84 22.06
C HIS B 312 27.14 -13.21 23.37
N GLN B 313 26.88 -14.01 24.41
CA GLN B 313 26.28 -13.46 25.61
C GLN B 313 27.20 -12.46 26.34
N ASP B 314 28.50 -12.53 26.05
CA ASP B 314 29.46 -11.65 26.71
C ASP B 314 29.88 -10.45 25.85
N PHE B 315 29.12 -10.21 24.78
CA PHE B 315 29.22 -8.94 24.06
C PHE B 315 28.61 -7.85 24.95
N SER B 316 28.57 -6.61 24.46
CA SER B 316 28.08 -5.50 25.31
C SER B 316 26.62 -5.62 25.76
N GLY B 317 26.38 -5.39 27.04
CA GLY B 317 25.03 -5.32 27.57
C GLY B 317 24.39 -3.95 27.37
N ILE B 318 23.09 -3.89 27.63
CA ILE B 318 22.37 -2.63 27.64
C ILE B 318 22.79 -1.87 28.91
N GLY B 319 23.01 -0.57 28.78
CA GLY B 319 23.67 0.20 29.81
C GLY B 319 22.77 0.94 30.79
N ALA B 320 23.34 1.97 31.40
CA ALA B 320 22.71 2.64 32.54
C ALA B 320 21.35 3.26 32.24
N VAL B 321 21.08 3.58 30.98
CA VAL B 321 19.80 4.21 30.65
C VAL B 321 18.60 3.33 31.02
N VAL B 322 18.78 2.01 31.09
CA VAL B 322 17.68 1.12 31.50
C VAL B 322 17.72 0.77 32.99
N ARG B 323 18.77 1.20 33.68
CA ARG B 323 18.90 0.87 35.11
C ARG B 323 18.30 2.03 35.92
N SER B 324 16.98 2.11 35.85
CA SER B 324 16.25 3.27 36.32
C SER B 324 14.78 2.95 36.48
N LYS B 325 14.11 3.64 37.39
CA LYS B 325 12.67 3.55 37.55
C LYS B 325 11.94 4.54 36.66
N GLU B 326 12.68 5.25 35.82
CA GLU B 326 12.06 6.19 34.88
C GLU B 326 12.21 5.65 33.46
N ILE B 327 11.07 5.49 32.78
CA ILE B 327 11.06 4.88 31.46
C ILE B 327 10.55 5.92 30.47
N TYR B 328 11.44 6.41 29.61
CA TYR B 328 11.08 7.43 28.62
C TYR B 328 10.34 6.84 27.43
N LEU B 329 9.22 7.47 27.10
CA LEU B 329 8.39 7.00 25.99
C LEU B 329 8.32 8.00 24.83
N MET B 330 8.64 9.27 25.10
CA MET B 330 8.77 10.26 24.04
C MET B 330 9.65 11.40 24.54
N ASN B 331 10.85 11.52 23.98
CA ASN B 331 11.80 12.57 24.37
C ASN B 331 11.56 13.87 23.62
N ALA B 332 11.91 14.99 24.25
CA ALA B 332 11.85 16.27 23.57
C ALA B 332 12.64 16.28 22.25
N ALA B 333 13.77 15.57 22.20
CA ALA B 333 14.53 15.49 20.96
C ALA B 333 13.65 15.08 19.76
N GLU B 334 12.75 14.13 19.99
CA GLU B 334 11.88 13.66 18.91
C GLU B 334 11.03 14.79 18.33
N ALA B 335 10.55 15.69 19.18
CA ALA B 335 9.76 16.83 18.71
C ALA B 335 10.57 17.69 17.73
N TYR B 336 11.85 17.90 18.04
CA TYR B 336 12.71 18.63 17.12
C TYR B 336 12.91 17.91 15.80
N PHE B 337 13.13 16.60 15.84
CA PHE B 337 13.37 15.86 14.60
C PHE B 337 12.10 15.73 13.75
N LEU B 338 10.94 15.64 14.40
CA LEU B 338 9.66 15.70 13.69
C LEU B 338 9.50 17.05 13.00
N ARG B 339 9.75 18.12 13.74
CA ARG B 339 9.63 19.46 13.16
C ARG B 339 10.65 19.65 12.04
N ALA B 340 11.86 19.10 12.20
CA ALA B 340 12.86 19.22 11.16
C ALA B 340 12.38 18.57 9.87
N GLU B 341 11.80 17.37 9.97
CA GLU B 341 11.27 16.72 8.78
C GLU B 341 10.12 17.54 8.18
N GLY B 342 9.25 18.06 9.04
CA GLY B 342 8.16 18.88 8.56
C GLY B 342 8.66 20.12 7.84
N ALA B 343 9.74 20.71 8.35
CA ALA B 343 10.33 21.88 7.71
C ALA B 343 10.92 21.52 6.36
N LEU B 344 11.57 20.36 6.29
CA LEU B 344 12.11 19.85 5.04
C LEU B 344 11.00 19.70 3.98
N ARG B 345 9.81 19.31 4.43
CA ARG B 345 8.65 19.12 3.55
C ARG B 345 7.94 20.42 3.23
N GLY B 346 8.41 21.53 3.81
CA GLY B 346 7.89 22.85 3.47
C GLY B 346 6.79 23.36 4.40
N TRP B 347 6.55 22.66 5.49
CA TRP B 347 5.45 22.98 6.38
C TRP B 347 5.81 24.09 7.38
N ASN B 348 4.79 24.59 8.07
CA ASN B 348 4.97 25.66 9.04
C ASN B 348 5.32 25.06 10.41
N MET B 349 6.62 24.82 10.59
CA MET B 349 7.12 24.14 11.78
C MET B 349 7.87 25.05 12.75
N GLY B 350 8.03 26.32 12.40
CA GLY B 350 8.66 27.26 13.31
C GLY B 350 10.18 27.27 13.33
N GLY B 351 10.80 26.77 12.28
CA GLY B 351 12.24 26.83 12.13
C GLY B 351 12.68 26.17 10.84
N THR B 352 13.95 26.30 10.49
CA THR B 352 14.46 25.61 9.32
C THR B 352 14.80 24.15 9.65
N ALA B 353 14.87 23.31 8.63
CA ALA B 353 15.25 21.92 8.85
C ALA B 353 16.60 21.82 9.59
N GLN B 354 17.57 22.61 9.17
CA GLN B 354 18.88 22.57 9.83
C GLN B 354 18.82 23.01 11.30
N GLU B 355 18.15 24.14 11.56
CA GLU B 355 18.03 24.63 12.92
C GLU B 355 17.40 23.58 13.83
N LEU B 356 16.33 22.95 13.35
CA LEU B 356 15.60 22.00 14.17
C LEU B 356 16.37 20.69 14.36
N TYR B 357 17.04 20.22 13.30
CA TYR B 357 17.93 19.06 13.38
C TYR B 357 18.99 19.26 14.45
N GLU B 358 19.69 20.41 14.38
CA GLU B 358 20.77 20.66 15.31
C GLU B 358 20.27 20.86 16.74
N ALA B 359 19.10 21.48 16.88
CA ALA B 359 18.49 21.60 18.20
C ALA B 359 18.11 20.23 18.80
N GLY B 360 17.67 19.31 17.95
CA GLY B 360 17.32 17.98 18.41
C GLY B 360 18.53 17.23 18.94
N ILE B 361 19.65 17.32 18.22
CA ILE B 361 20.89 16.68 18.66
C ILE B 361 21.32 17.25 20.02
N LYS B 362 21.31 18.58 20.14
CA LYS B 362 21.66 19.21 21.41
C LYS B 362 20.75 18.78 22.54
N ALA B 363 19.44 18.70 22.28
CA ALA B 363 18.50 18.28 23.30
C ALA B 363 18.85 16.89 23.81
N SER B 364 19.15 15.97 22.89
CA SER B 364 19.52 14.61 23.27
C SER B 364 20.84 14.54 24.05
N PHE B 365 21.86 15.26 23.57
CA PHE B 365 23.13 15.31 24.32
C PHE B 365 22.89 15.80 25.74
N ASP B 366 22.09 16.86 25.88
CA ASP B 366 21.77 17.41 27.20
C ASP B 366 21.02 16.39 28.05
N GLN B 367 20.06 15.70 27.45
CA GLN B 367 19.27 14.72 28.17
C GLN B 367 20.17 13.61 28.72
N ARG B 368 21.19 13.27 27.95
CA ARG B 368 22.06 12.15 28.31
C ARG B 368 23.23 12.60 29.20
N GLY B 369 23.40 13.92 29.34
CA GLY B 369 24.41 14.48 30.23
C GLY B 369 25.81 14.43 29.67
N VAL B 370 25.95 14.46 28.35
CA VAL B 370 27.26 14.42 27.71
C VAL B 370 27.57 15.71 26.97
N SER B 371 28.85 16.05 26.89
CA SER B 371 29.28 17.27 26.22
C SER B 371 29.75 16.99 24.80
N GLY B 372 30.09 18.06 24.07
CA GLY B 372 30.68 17.92 22.76
C GLY B 372 29.70 17.97 21.61
N ALA B 373 28.47 18.42 21.88
CA ALA B 373 27.44 18.49 20.85
C ALA B 373 27.89 19.33 19.65
N ALA B 374 28.51 20.47 19.93
CA ALA B 374 28.91 21.37 18.86
C ALA B 374 29.86 20.72 17.85
N GLY B 375 30.89 20.03 18.36
CA GLY B 375 31.85 19.36 17.51
C GLY B 375 31.22 18.21 16.75
N TYR B 376 30.34 17.48 17.42
CA TYR B 376 29.63 16.35 16.83
C TYR B 376 28.76 16.84 15.68
N ILE B 377 28.02 17.92 15.94
CA ILE B 377 27.13 18.51 14.95
C ILE B 377 27.86 19.04 13.71
N ALA B 378 29.08 19.52 13.90
CA ALA B 378 29.84 20.13 12.80
C ALA B 378 30.64 19.12 11.96
N ASP B 379 30.75 17.89 12.45
CA ASP B 379 31.61 16.90 11.81
C ASP B 379 31.02 16.36 10.50
N ASN B 380 31.74 16.57 9.40
CA ASN B 380 31.31 16.11 8.09
C ASN B 380 32.23 15.02 7.53
N THR B 381 32.80 14.22 8.42
CA THR B 381 33.73 13.17 8.02
C THR B 381 33.32 11.80 8.57
N LYS B 382 33.05 11.74 9.86
CA LYS B 382 32.72 10.47 10.51
C LYS B 382 31.44 9.85 9.96
N THR B 383 31.50 8.55 9.70
CA THR B 383 30.37 7.81 9.12
C THR B 383 30.33 6.41 9.75
N ALA B 384 29.32 5.62 9.43
CA ALA B 384 29.18 4.31 10.05
C ALA B 384 30.41 3.42 9.84
N ALA B 385 30.72 2.62 10.86
CA ALA B 385 31.89 1.73 10.84
C ALA B 385 31.54 0.32 10.37
N ALA B 386 32.53 -0.37 9.81
CA ALA B 386 32.37 -1.77 9.45
C ALA B 386 32.08 -2.58 10.70
N TYR B 387 31.32 -3.66 10.55
CA TYR B 387 30.97 -4.51 11.67
C TYR B 387 31.70 -5.84 11.60
N VAL B 388 32.33 -6.23 12.72
CA VAL B 388 33.06 -7.49 12.81
C VAL B 388 32.57 -8.32 14.00
N ASP B 389 32.24 -9.58 13.72
CA ASP B 389 31.99 -10.58 14.78
C ASP B 389 33.28 -11.42 14.84
N PRO B 390 34.18 -11.10 15.78
CA PRO B 390 35.55 -11.62 15.74
C PRO B 390 35.69 -13.14 15.52
N ASN B 391 34.92 -13.96 16.23
CA ASN B 391 35.03 -15.41 16.09
C ASN B 391 34.10 -16.02 15.05
N PHE B 392 33.23 -15.19 14.46
CA PHE B 392 32.30 -15.65 13.44
C PHE B 392 32.22 -14.63 12.31
N PRO B 393 33.28 -14.56 11.50
CA PRO B 393 33.38 -13.55 10.43
C PRO B 393 32.27 -13.66 9.39
N GLU B 394 31.54 -14.77 9.35
CA GLU B 394 30.39 -14.88 8.45
C GLU B 394 29.33 -13.83 8.78
N ASN B 395 29.41 -13.25 9.97
CA ASN B 395 28.46 -12.23 10.40
C ASN B 395 28.92 -10.80 10.14
N ASN B 396 30.09 -10.64 9.53
CA ASN B 396 30.66 -9.32 9.27
C ASN B 396 29.88 -8.56 8.20
N SER B 397 30.00 -7.23 8.22
CA SER B 397 29.44 -6.41 7.16
C SER B 397 30.17 -5.09 6.98
N ASP B 398 30.27 -4.65 5.73
CA ASP B 398 30.63 -3.26 5.44
C ASP B 398 29.49 -2.39 6.01
N PRO B 399 29.81 -1.12 6.34
CA PRO B 399 28.75 -0.26 6.89
C PRO B 399 27.67 0.01 5.86
N VAL B 400 26.44 0.23 6.33
CA VAL B 400 25.34 0.54 5.43
C VAL B 400 24.74 1.95 5.62
N ASN B 401 24.85 2.54 6.82
CA ASN B 401 24.31 3.88 7.02
C ASN B 401 25.40 4.91 6.79
N ASN B 402 25.64 5.18 5.52
CA ASN B 402 26.83 5.90 5.10
C ASN B 402 26.52 7.37 4.91
N VAL B 403 26.38 8.06 6.03
CA VAL B 403 26.04 9.47 6.05
C VAL B 403 26.73 10.11 7.26
N THR B 404 27.16 11.36 7.12
CA THR B 404 27.79 12.06 8.23
C THR B 404 26.72 12.79 9.05
N VAL B 405 27.12 13.33 10.19
CA VAL B 405 26.21 14.13 11.01
C VAL B 405 25.96 15.51 10.42
N ALA B 406 27.00 16.18 9.96
CA ALA B 406 26.90 17.59 9.59
C ALA B 406 25.84 17.88 8.53
N TRP B 407 25.03 18.90 8.78
CA TRP B 407 24.05 19.33 7.79
C TRP B 407 24.75 19.86 6.54
N ASP B 408 24.25 19.45 5.39
CA ASP B 408 24.71 19.95 4.11
C ASP B 408 23.49 20.47 3.37
N ALA B 409 23.41 21.78 3.17
CA ALA B 409 22.26 22.39 2.51
C ALA B 409 22.10 21.93 1.07
N ALA B 410 23.20 21.47 0.46
CA ALA B 410 23.18 21.06 -0.95
C ALA B 410 22.82 19.59 -1.13
N ALA B 411 22.67 18.88 -0.03
CA ALA B 411 22.33 17.46 -0.11
C ALA B 411 20.91 17.25 -0.64
N THR B 412 20.65 16.07 -1.17
CA THR B 412 19.31 15.72 -1.63
C THR B 412 18.34 15.64 -0.45
N ASN B 413 17.06 15.73 -0.74
CA ASN B 413 16.03 15.56 0.29
C ASN B 413 16.14 14.21 0.98
N GLU B 414 16.46 13.17 0.23
CA GLU B 414 16.65 11.84 0.83
C GLU B 414 17.80 11.79 1.83
N VAL B 415 18.93 12.41 1.49
CA VAL B 415 20.08 12.43 2.40
C VAL B 415 19.78 13.30 3.62
N LYS B 416 19.10 14.42 3.40
CA LYS B 416 18.65 15.25 4.52
C LYS B 416 17.76 14.47 5.48
N LEU B 417 16.77 13.75 4.92
CA LEU B 417 15.91 12.91 5.74
C LEU B 417 16.70 11.80 6.43
N GLN B 418 17.65 11.19 5.72
CA GLN B 418 18.47 10.15 6.33
C GLN B 418 19.24 10.68 7.56
N LYS B 419 19.77 11.90 7.46
CA LYS B 419 20.45 12.49 8.61
C LYS B 419 19.49 12.71 9.79
N ILE B 420 18.34 13.30 9.50
CA ILE B 420 17.34 13.54 10.53
C ILE B 420 16.91 12.24 11.22
N ILE B 421 16.55 11.22 10.44
CA ILE B 421 16.07 10.00 11.04
C ILE B 421 17.19 9.25 11.76
N THR B 422 18.41 9.31 11.25
CA THR B 422 19.54 8.69 11.96
C THR B 422 19.68 9.28 13.37
N GLN B 423 19.67 10.59 13.46
CA GLN B 423 19.80 11.24 14.76
C GLN B 423 18.58 10.99 15.66
N LYS B 424 17.41 10.95 15.05
CA LYS B 424 16.19 10.61 15.75
C LYS B 424 16.28 9.20 16.35
N TRP B 425 16.77 8.26 15.54
CA TRP B 425 16.94 6.88 15.95
C TRP B 425 17.92 6.79 17.13
N ILE B 426 19.05 7.48 17.04
CA ILE B 426 19.99 7.45 18.17
C ILE B 426 19.33 8.03 19.43
N ALA B 427 18.67 9.17 19.30
CA ALA B 427 18.07 9.84 20.46
C ALA B 427 16.99 9.01 21.14
N GLY B 428 16.28 8.18 20.37
CA GLY B 428 15.13 7.47 20.90
C GLY B 428 15.42 6.16 21.61
N PHE B 429 16.68 5.74 21.61
CA PHE B 429 17.06 4.51 22.29
C PHE B 429 16.69 4.64 23.78
N PRO B 430 16.18 3.57 24.40
CA PRO B 430 16.00 2.18 23.92
C PRO B 430 14.57 1.83 23.46
N GLU B 431 13.78 2.83 23.06
CA GLU B 431 12.37 2.61 22.72
C GLU B 431 12.19 2.11 21.26
N GLY B 432 12.28 0.80 21.12
CA GLY B 432 12.32 0.19 19.81
C GLY B 432 11.08 0.31 18.96
N GLN B 433 9.91 0.45 19.57
CA GLN B 433 8.67 0.47 18.80
C GLN B 433 8.60 1.69 17.87
N GLU B 434 8.88 2.87 18.39
CA GLU B 434 8.84 4.04 17.53
C GLU B 434 9.92 3.96 16.45
N ALA B 435 11.10 3.48 16.80
CA ALA B 435 12.18 3.34 15.82
C ALA B 435 11.81 2.36 14.70
N TRP B 436 11.13 1.26 15.04
CA TRP B 436 10.65 0.30 14.04
C TRP B 436 9.61 0.94 13.12
N SER B 437 8.69 1.70 13.68
CA SER B 437 7.70 2.39 12.85
C SER B 437 8.36 3.42 11.90
N ASP B 438 9.28 4.21 12.42
CA ASP B 438 10.00 5.20 11.63
C ASP B 438 10.84 4.53 10.55
N TYR B 439 11.43 3.38 10.87
CA TYR B 439 12.23 2.65 9.89
C TYR B 439 11.35 2.10 8.79
N ARG B 440 10.20 1.54 9.15
CA ARG B 440 9.27 1.07 8.13
C ARG B 440 8.87 2.22 7.21
N ARG B 441 8.50 3.36 7.78
CA ARG B 441 8.06 4.48 6.94
C ARG B 441 9.16 5.03 6.03
N THR B 442 10.36 5.25 6.58
CA THR B 442 11.37 6.02 5.88
C THR B 442 12.52 5.20 5.27
N GLY B 443 12.71 3.98 5.77
CA GLY B 443 13.86 3.17 5.38
C GLY B 443 15.15 3.60 6.08
N TYR B 444 15.05 4.47 7.08
CA TYR B 444 16.24 5.00 7.76
C TYR B 444 16.19 4.74 9.26
N PRO B 445 17.36 4.66 9.91
CA PRO B 445 18.66 4.57 9.25
C PRO B 445 18.76 3.25 8.50
N LYS B 446 19.72 3.14 7.58
CA LYS B 446 19.98 1.86 6.95
C LYS B 446 20.44 0.85 7.99
N LEU B 447 19.89 -0.37 7.94
CA LEU B 447 20.18 -1.43 8.91
C LEU B 447 20.76 -2.65 8.20
N PHE B 448 21.54 -3.44 8.93
CA PHE B 448 22.08 -4.67 8.34
C PHE B 448 20.96 -5.69 8.10
N PRO B 449 20.89 -6.26 6.90
CA PRO B 449 19.85 -7.25 6.63
C PRO B 449 20.11 -8.56 7.36
N VAL B 450 19.07 -9.32 7.70
CA VAL B 450 19.28 -10.63 8.31
C VAL B 450 20.04 -11.56 7.35
N LEU B 451 20.74 -12.54 7.95
CA LEU B 451 21.45 -13.57 7.20
C LEU B 451 20.63 -14.85 7.10
N LYS B 452 19.68 -15.03 8.00
CA LYS B 452 18.80 -16.18 8.00
C LYS B 452 17.36 -15.70 7.99
N ASN B 453 16.58 -16.18 7.03
CA ASN B 453 15.18 -15.79 6.88
C ASN B 453 14.35 -17.06 6.78
N TYR B 454 13.66 -17.39 7.86
CA TYR B 454 12.88 -18.62 7.95
C TYR B 454 11.38 -18.36 7.79
N SER B 455 11.04 -17.30 7.06
CA SER B 455 9.64 -16.93 6.88
C SER B 455 8.90 -17.71 5.80
N GLY B 456 9.61 -18.58 5.10
CA GLY B 456 9.00 -19.33 4.00
C GLY B 456 8.52 -18.44 2.86
N GLY B 457 9.15 -17.29 2.71
CA GLY B 457 8.82 -16.38 1.62
C GLY B 457 7.84 -15.27 1.99
N ALA B 458 7.23 -15.35 3.17
CA ALA B 458 6.22 -14.38 3.58
C ALA B 458 6.80 -13.01 3.93
N ILE B 459 8.06 -12.99 4.36
CA ILE B 459 8.72 -11.75 4.78
C ILE B 459 10.03 -11.63 4.01
N THR B 460 10.27 -10.46 3.41
CA THR B 460 11.50 -10.28 2.64
C THR B 460 12.68 -9.93 3.56
N THR B 461 13.88 -10.32 3.12
CA THR B 461 15.10 -9.91 3.78
C THR B 461 15.32 -8.41 3.62
N GLU B 462 15.04 -7.85 2.44
CA GLU B 462 15.32 -6.43 2.23
C GLU B 462 14.45 -5.53 3.12
N PHE B 463 13.16 -5.83 3.22
CA PHE B 463 12.24 -4.95 3.92
C PHE B 463 11.89 -5.42 5.32
N GLY B 464 12.17 -6.68 5.62
CA GLY B 464 11.95 -7.17 6.97
C GLY B 464 10.49 -7.19 7.39
N VAL B 465 10.28 -7.24 8.70
CA VAL B 465 8.93 -7.43 9.24
C VAL B 465 8.17 -6.13 9.13
N ARG B 466 7.03 -6.17 8.45
CA ARG B 466 6.21 -4.97 8.26
C ARG B 466 5.05 -4.89 9.27
N ARG B 467 4.67 -6.03 9.85
CA ARG B 467 3.60 -6.06 10.85
C ARG B 467 3.65 -7.41 11.53
N ILE B 468 2.86 -7.54 12.59
CA ILE B 468 2.64 -8.83 13.23
C ILE B 468 1.22 -9.32 12.90
N ASN B 469 1.10 -10.63 12.69
CA ASN B 469 -0.19 -11.24 12.35
C ASN B 469 -1.14 -11.30 13.54
N PHE B 470 -2.43 -11.37 13.25
CA PHE B 470 -3.47 -11.34 14.29
C PHE B 470 -3.30 -12.49 15.27
N VAL B 471 -3.69 -12.27 16.52
CA VAL B 471 -3.21 -13.10 17.63
C VAL B 471 -4.10 -14.29 17.99
N GLN B 472 -3.49 -15.22 18.72
CA GLN B 472 -4.16 -16.48 19.07
C GLN B 472 -5.43 -16.30 19.90
N SER B 473 -5.41 -15.42 20.88
CA SER B 473 -6.59 -15.24 21.72
C SER B 473 -7.77 -14.75 20.90
N GLU B 474 -7.48 -13.98 19.86
CA GLU B 474 -8.51 -13.44 18.99
C GLU B 474 -9.06 -14.50 18.05
N LYS B 475 -8.19 -15.32 17.49
CA LYS B 475 -8.65 -16.44 16.67
C LYS B 475 -9.47 -17.41 17.51
N ALA B 476 -9.11 -17.55 18.78
CA ALA B 476 -9.82 -18.45 19.68
C ALA B 476 -11.20 -17.93 20.09
N GLY B 477 -11.25 -16.68 20.57
CA GLY B 477 -12.45 -16.14 21.18
C GLY B 477 -13.23 -15.13 20.36
N ASN B 478 -12.65 -14.68 19.25
CA ASN B 478 -13.27 -13.64 18.44
C ASN B 478 -13.03 -13.90 16.96
N SER B 479 -13.26 -15.12 16.50
CA SER B 479 -12.97 -15.47 15.10
C SER B 479 -13.73 -14.57 14.12
N GLY B 480 -14.94 -14.16 14.47
CA GLY B 480 -15.71 -13.27 13.61
C GLY B 480 -15.02 -11.92 13.48
N GLY B 481 -14.46 -11.45 14.60
CA GLY B 481 -13.72 -10.20 14.60
C GLY B 481 -12.46 -10.31 13.75
N VAL B 482 -11.73 -11.41 13.90
CA VAL B 482 -10.51 -11.58 13.13
C VAL B 482 -10.81 -11.52 11.64
N ALA B 483 -11.93 -12.09 11.22
CA ALA B 483 -12.29 -12.06 9.80
C ALA B 483 -12.49 -10.62 9.34
N THR B 484 -13.08 -9.76 10.18
CA THR B 484 -13.19 -8.35 9.80
C THR B 484 -11.82 -7.68 9.72
N GLY B 485 -10.89 -8.08 10.61
CA GLY B 485 -9.54 -7.57 10.58
C GLY B 485 -8.84 -7.95 9.29
N VAL B 486 -8.98 -9.20 8.87
CA VAL B 486 -8.37 -9.64 7.63
C VAL B 486 -8.97 -8.88 6.45
N SER B 487 -10.29 -8.69 6.45
CA SER B 487 -10.92 -7.89 5.42
C SER B 487 -10.29 -6.50 5.35
N LYS B 488 -10.10 -5.88 6.51
CA LYS B 488 -9.60 -4.50 6.54
C LYS B 488 -8.08 -4.41 6.36
N LEU B 489 -7.41 -5.55 6.38
CA LEU B 489 -5.97 -5.65 6.08
C LEU B 489 -5.68 -5.68 4.58
N GLY B 490 -6.60 -6.26 3.80
CA GLY B 490 -6.51 -6.25 2.34
C GLY B 490 -5.60 -7.29 1.70
N GLY B 491 -5.05 -8.20 2.51
CA GLY B 491 -4.15 -9.21 1.99
C GLY B 491 -3.84 -10.25 3.05
N PRO B 492 -2.89 -11.14 2.76
CA PRO B 492 -2.57 -12.23 3.67
C PRO B 492 -2.17 -11.74 5.06
N ASP B 493 -2.66 -12.45 6.07
CA ASP B 493 -2.38 -12.11 7.46
C ASP B 493 -1.03 -12.67 7.89
N ASN B 494 0.04 -12.03 7.43
CA ASN B 494 1.40 -12.41 7.79
C ASN B 494 2.24 -11.15 7.93
N GLY B 495 3.53 -11.30 8.20
CA GLY B 495 4.36 -10.16 8.52
C GLY B 495 4.89 -9.38 7.34
N GLY B 496 4.61 -9.82 6.11
CA GLY B 496 5.07 -9.12 4.92
C GLY B 496 4.08 -8.12 4.35
N THR B 497 2.81 -8.28 4.72
CA THR B 497 1.75 -7.40 4.26
C THR B 497 1.85 -6.05 4.95
N ARG B 498 1.82 -4.98 4.17
CA ARG B 498 2.00 -3.64 4.70
C ARG B 498 0.72 -3.07 5.30
N VAL B 499 0.84 -2.46 6.48
CA VAL B 499 -0.30 -1.73 7.05
C VAL B 499 -0.55 -0.46 6.22
N TRP B 500 -1.73 0.12 6.40
CA TRP B 500 -2.18 1.27 5.63
C TRP B 500 -1.16 2.40 5.48
N TRP B 501 -0.54 2.85 6.57
CA TRP B 501 0.40 3.98 6.44
C TRP B 501 1.73 3.58 5.81
N ASP B 502 2.03 2.28 5.81
CA ASP B 502 3.30 1.77 5.30
C ASP B 502 3.23 1.45 3.80
N VAL B 503 2.69 2.38 3.05
CA VAL B 503 2.51 2.16 1.62
CA VAL B 503 2.53 2.23 1.60
C VAL B 503 3.87 2.06 0.91
N ASN B 504 3.91 1.20 -0.10
CA ASN B 504 5.11 1.09 -0.93
C ASN B 504 5.19 2.30 -1.86
N ALA B 505 5.84 3.34 -1.37
CA ALA B 505 5.91 4.64 -2.03
C ALA B 505 7.19 5.33 -1.59
N PRO B 506 7.66 6.31 -2.36
CA PRO B 506 8.89 6.99 -1.96
C PRO B 506 8.65 8.00 -0.82
N ASN B 507 9.73 8.45 -0.20
CA ASN B 507 9.61 9.38 0.92
C ASN B 507 9.13 10.77 0.55
N PHE B 508 9.34 11.18 -0.71
CA PHE B 508 8.93 12.50 -1.18
C PHE B 508 8.16 12.38 -2.47
#